data_4Q9J
#
_entry.id   4Q9J
#
_cell.length_a   88.740
_cell.length_b   138.660
_cell.length_c   189.990
_cell.angle_alpha   90.00
_cell.angle_beta   90.00
_cell.angle_gamma   90.00
#
_symmetry.space_group_name_H-M   'P 21 21 21'
#
loop_
_entity.id
_entity.type
_entity.pdbx_description
1 polymer 'Multidrug resistance protein 1A'
2 polymer 'N-{[5-AMINO-1-(5-O-PHOSPHONO-BETA-D-ARABINOFURANOSYL)-1H-IMIDAZOL-4-YL]CARBONYL}-L-ASPARTIC ACID'
#
loop_
_entity_poly.entity_id
_entity_poly.type
_entity_poly.pdbx_seq_one_letter_code
_entity_poly.pdbx_strand_id
1 'polypeptide(L)'
;MELEEDLKGRADKNFSKMGKKSKKEKKEKKPAVSVLTMFRYAGWLDRLYMLVGTLAAIIHGVALPLMMLIFGDMTDSFAS
VGQVSKQSTQMSEADKRAMFAKLEEEMTTYAYYYTGIGAGVLIVAYIQVSFWCLAAGRQIHKIRQKFFHAIMNQEIGWFD
VHDVGELNTRLTDDVSKINEGIGDKIGMFFQAMATFFGGFIIGFTRGWKLTLVILAISPVLGLSAGIWAKILSSFTDKEL
HAYAKAGAVAEEVLAAIRTVIAFGGQKKELERYNNNLEEAKRLGIKKAITANISMGAAFLLIYASYALAFWYGTSLVISK
EYSIGQVLTVFFSVLIGAFSVGQASPNIEAFANARGAAYEVFKIIDNKPSIDSFSKSGHKPDNIQGNLEFKNIHFSYPSR
KEVQILKGLNLKVKSGQTVALVGNSGCGKSTTVQLMQRLYDPLDGMVSIDGQDIRTINVRYLREIIGVVSQEPVLFATTI
AENIRYGREDVTMDEIEKAVKEANAYDFIMKLPHQFDTLVGERGAQLSGGQKQRIAIARALVRNPKILLLDEATSALDTE
SEAVVQAALDKAREGRTTIVIAHRLSTVRNADVIAGFDGGVIVEQGNHDELMREKGIYFKLVMTQTAGNEIELGNEACKS
KDEIDNLDMSSKDSGSSLIRRRSTRKSICGPHDQDRKLSTKEALDEDVPPASFWRILKLNSTEWPYFVVGIFCAIINGGL
QPAFSVIFSKVVGVFTNGGPPETQRQNSNLFSLLFLILGIISFITFFLQGFTFGKAGEILTKRLRYMVFKSMLRQDVSWF
DDPKNTTGALTTRLANDAAQVKGATGSRLAVIFQNIANLGTGIIISLIYGWQLTLLLLAIVPIIAIAGVVEMKMLSGQAL
KDKKELEGSGKIATEAIENFRTVVSLTREQKFETMYAQSLQIPYRNAMKKAHVFGITFSFTQAMMYFSYAACFRFGAYLV
TQQLMTFENVLLVFSAIVFGAMAVGQVSSFAPDYAKATVSASHIIRIIEKTPEIDSYSTQGLKPNMLEGNVQFSGVVFNY
PTRPSIPVLQGLSLEVKKGQTLALVGSSGCGKSTVVQLLERFYDPMAGSVFLDGKEIKQLNVQWLRAQLGIVSQEPILFD
CSIAENIAYGDNSRVVSYEEIVRAAKEANIHQFIDSLPDKYNTRVGDKGTQLSGGQKQRIAIARALVRQPHILLLDEATS
ALDTESEKVVQEALDKAREGRTCIVIAHRLSTIQNADLIVVIQNGKVKEHGTHQQLLAQKGIYFSMVSVQAGAKRSLEHH
HHHH
;
A
2 'polypeptide(L)' (30F)V(30F)V(30F)V C,D,B
#
# COMPACT_ATOMS: atom_id res chain seq x y z
N LYS A 30 1.88 -20.94 6.43
CA LYS A 30 2.36 -22.25 6.82
C LYS A 30 1.21 -23.25 7.03
N PRO A 31 0.32 -22.99 8.01
CA PRO A 31 -0.69 -24.00 8.36
C PRO A 31 -1.73 -24.18 7.26
N ALA A 32 -1.92 -25.43 6.82
CA ALA A 32 -2.78 -25.75 5.71
C ALA A 32 -4.02 -26.51 6.17
N VAL A 33 -4.83 -26.95 5.21
CA VAL A 33 -6.10 -27.59 5.51
C VAL A 33 -6.27 -28.84 4.65
N SER A 34 -6.95 -29.84 5.20
CA SER A 34 -7.20 -31.07 4.47
C SER A 34 -8.04 -30.78 3.23
N VAL A 35 -7.79 -31.54 2.17
CA VAL A 35 -8.39 -31.26 0.87
C VAL A 35 -9.91 -31.50 0.85
N LEU A 36 -10.38 -32.46 1.64
CA LEU A 36 -11.80 -32.78 1.67
C LEU A 36 -12.59 -31.80 2.55
N THR A 37 -11.96 -31.32 3.61
CA THR A 37 -12.60 -30.35 4.51
C THR A 37 -12.95 -29.08 3.75
N MET A 38 -11.99 -28.61 2.95
CA MET A 38 -12.10 -27.35 2.24
C MET A 38 -13.32 -27.28 1.32
N PHE A 39 -13.80 -28.45 0.90
CA PHE A 39 -14.92 -28.53 -0.02
C PHE A 39 -16.17 -29.02 0.69
N ARG A 40 -16.19 -28.89 2.01
CA ARG A 40 -17.29 -29.43 2.80
C ARG A 40 -18.65 -28.84 2.39
N TYR A 41 -18.62 -27.66 1.78
CA TYR A 41 -19.86 -26.96 1.39
C TYR A 41 -20.26 -27.26 -0.06
N ALA A 42 -19.48 -28.11 -0.72
CA ALA A 42 -19.84 -28.60 -2.05
C ALA A 42 -20.55 -29.94 -1.92
N GLY A 43 -21.75 -30.02 -2.46
CA GLY A 43 -22.53 -31.25 -2.44
C GLY A 43 -23.47 -31.32 -3.62
N TRP A 44 -23.84 -32.54 -4.01
CA TRP A 44 -24.74 -32.76 -5.13
C TRP A 44 -24.22 -32.07 -6.40
N LEU A 45 -24.87 -30.99 -6.80
CA LEU A 45 -24.60 -30.34 -8.09
C LEU A 45 -23.17 -29.80 -8.19
N ASP A 46 -22.60 -29.41 -7.05
CA ASP A 46 -21.26 -28.83 -7.05
C ASP A 46 -20.22 -29.86 -7.48
N ARG A 47 -20.25 -31.02 -6.83
CA ARG A 47 -19.35 -32.11 -7.15
C ARG A 47 -19.53 -32.51 -8.61
N LEU A 48 -20.78 -32.54 -9.06
CA LEU A 48 -21.10 -32.86 -10.44
C LEU A 48 -20.45 -31.84 -11.39
N TYR A 49 -20.67 -30.56 -11.11
CA TYR A 49 -20.08 -29.48 -11.89
C TYR A 49 -18.58 -29.66 -11.95
N MET A 50 -17.97 -29.93 -10.80
CA MET A 50 -16.53 -30.12 -10.75
C MET A 50 -16.10 -31.32 -11.59
N LEU A 51 -16.88 -32.39 -11.54
CA LEU A 51 -16.58 -33.59 -12.34
C LEU A 51 -16.70 -33.33 -13.85
N VAL A 52 -17.87 -32.91 -14.29
CA VAL A 52 -18.10 -32.62 -15.69
C VAL A 52 -17.10 -31.56 -16.16
N GLY A 53 -16.84 -30.61 -15.28
CA GLY A 53 -15.92 -29.53 -15.57
C GLY A 53 -14.51 -30.03 -15.78
N THR A 54 -13.99 -30.79 -14.82
CA THR A 54 -12.62 -31.28 -14.91
C THR A 54 -12.49 -32.24 -16.09
N LEU A 55 -13.55 -33.00 -16.35
CA LEU A 55 -13.61 -33.85 -17.53
C LEU A 55 -13.41 -32.99 -18.79
N ALA A 56 -14.33 -32.06 -18.99
CA ALA A 56 -14.27 -31.16 -20.13
C ALA A 56 -12.91 -30.46 -20.19
N ALA A 57 -12.35 -30.14 -19.03
CA ALA A 57 -11.06 -29.47 -18.96
C ALA A 57 -9.94 -30.37 -19.48
N ILE A 58 -9.96 -31.63 -19.05
CA ILE A 58 -8.98 -32.61 -19.51
C ILE A 58 -9.12 -32.79 -21.03
N ILE A 59 -10.35 -32.89 -21.51
CA ILE A 59 -10.58 -32.98 -22.95
C ILE A 59 -9.98 -31.76 -23.65
N HIS A 60 -10.36 -30.57 -23.18
CA HIS A 60 -9.85 -29.32 -23.72
C HIS A 60 -8.33 -29.37 -23.77
N GLY A 61 -7.73 -29.92 -22.71
CA GLY A 61 -6.29 -30.09 -22.69
C GLY A 61 -5.83 -30.97 -23.83
N VAL A 62 -6.39 -32.18 -23.91
CA VAL A 62 -6.05 -33.14 -24.96
C VAL A 62 -6.22 -32.56 -26.36
N ALA A 63 -7.17 -31.65 -26.51
CA ALA A 63 -7.48 -31.05 -27.82
C ALA A 63 -6.27 -30.49 -28.58
N LEU A 64 -5.39 -29.74 -27.91
CA LEU A 64 -4.31 -29.04 -28.61
C LEU A 64 -3.26 -29.97 -29.24
N PRO A 65 -2.69 -30.91 -28.45
CA PRO A 65 -1.67 -31.77 -29.05
C PRO A 65 -2.19 -32.63 -30.20
N LEU A 66 -3.50 -32.88 -30.23
CA LEU A 66 -4.12 -33.58 -31.35
C LEU A 66 -4.11 -32.71 -32.59
N MET A 67 -4.15 -31.39 -32.40
CA MET A 67 -4.10 -30.46 -33.50
C MET A 67 -2.74 -30.57 -34.17
N MET A 68 -1.69 -30.65 -33.35
CA MET A 68 -0.33 -30.75 -33.86
C MET A 68 -0.01 -32.11 -34.44
N LEU A 69 -0.80 -33.10 -34.06
CA LEU A 69 -0.64 -34.42 -34.61
C LEU A 69 -1.07 -34.41 -36.08
N ILE A 70 -2.19 -33.75 -36.35
CA ILE A 70 -2.70 -33.62 -37.71
C ILE A 70 -1.74 -32.80 -38.57
N PHE A 71 -1.10 -31.81 -37.94
CA PHE A 71 -0.19 -30.91 -38.66
C PHE A 71 0.93 -31.68 -39.35
N GLY A 72 1.29 -32.84 -38.79
CA GLY A 72 2.28 -33.70 -39.39
C GLY A 72 1.71 -34.44 -40.59
N ASP A 73 0.45 -34.84 -40.48
CA ASP A 73 -0.23 -35.55 -41.56
C ASP A 73 -0.41 -34.65 -42.78
N MET A 74 -0.64 -33.36 -42.53
CA MET A 74 -0.76 -32.40 -43.62
C MET A 74 0.57 -32.24 -44.32
N THR A 75 1.63 -32.17 -43.54
CA THR A 75 2.98 -32.04 -44.08
C THR A 75 3.29 -33.24 -44.98
N ASP A 76 2.92 -34.42 -44.51
CA ASP A 76 3.15 -35.65 -45.27
C ASP A 76 2.41 -35.64 -46.60
N SER A 77 1.22 -35.07 -46.60
CA SER A 77 0.41 -34.97 -47.81
C SER A 77 1.13 -34.11 -48.86
N PHE A 78 1.57 -32.93 -48.46
CA PHE A 78 2.32 -32.06 -49.34
C PHE A 78 3.71 -32.63 -49.62
N ALA A 79 4.25 -33.36 -48.65
CA ALA A 79 5.59 -33.94 -48.80
C ALA A 79 5.59 -35.00 -49.89
N SER A 80 4.60 -35.87 -49.86
CA SER A 80 4.47 -36.92 -50.87
C SER A 80 4.38 -36.31 -52.25
N VAL A 81 3.53 -35.29 -52.39
CA VAL A 81 3.38 -34.59 -53.66
C VAL A 81 4.58 -33.70 -53.93
N GLY A 82 5.17 -33.16 -52.87
CA GLY A 82 6.33 -32.29 -53.00
C GLY A 82 7.50 -33.03 -53.62
N GLN A 83 7.67 -34.30 -53.24
CA GLN A 83 8.73 -35.13 -53.78
C GLN A 83 8.41 -35.59 -55.18
N VAL A 84 7.19 -36.07 -55.39
CA VAL A 84 6.77 -36.59 -56.69
C VAL A 84 6.67 -35.47 -57.73
N SER A 85 6.24 -34.29 -57.31
CA SER A 85 6.10 -33.15 -58.21
C SER A 85 7.45 -32.76 -58.81
N LYS A 86 8.50 -32.83 -57.99
CA LYS A 86 9.83 -32.43 -58.40
C LYS A 86 10.61 -33.58 -59.04
N GLN A 87 10.11 -34.80 -58.85
CA GLN A 87 10.78 -36.00 -59.34
C GLN A 87 10.51 -36.23 -60.83
N SER A 88 9.47 -35.59 -61.35
CA SER A 88 9.05 -35.78 -62.74
C SER A 88 10.07 -35.17 -63.70
N THR A 89 10.00 -33.86 -63.88
CA THR A 89 10.84 -33.16 -64.85
C THR A 89 10.64 -33.71 -66.27
N GLN A 90 9.45 -34.27 -66.50
CA GLN A 90 9.11 -34.84 -67.79
C GLN A 90 7.70 -34.44 -68.20
N MET A 91 6.72 -34.90 -67.41
CA MET A 91 5.32 -34.63 -67.68
C MET A 91 4.77 -33.58 -66.71
N SER A 92 3.83 -32.77 -67.20
CA SER A 92 3.26 -31.68 -66.41
C SER A 92 1.79 -31.92 -66.13
N GLU A 93 1.00 -32.05 -67.19
CA GLU A 93 -0.44 -32.24 -67.07
C GLU A 93 -0.80 -33.46 -66.21
N ALA A 94 0.08 -34.45 -66.20
CA ALA A 94 -0.14 -35.66 -65.43
C ALA A 94 -0.13 -35.37 -63.93
N ASP A 95 0.69 -34.39 -63.54
CA ASP A 95 0.81 -34.01 -62.13
C ASP A 95 -0.38 -33.16 -61.69
N LYS A 96 -1.18 -32.70 -62.65
CA LYS A 96 -2.35 -31.89 -62.33
C LYS A 96 -3.53 -32.75 -61.87
N ARG A 97 -3.36 -34.07 -61.95
CA ARG A 97 -4.46 -35.01 -61.68
C ARG A 97 -4.33 -35.68 -60.31
N ALA A 98 -3.37 -36.58 -60.17
CA ALA A 98 -3.20 -37.37 -58.95
C ALA A 98 -2.91 -36.47 -57.75
N MET A 99 -1.98 -35.54 -57.92
CA MET A 99 -1.55 -34.66 -56.84
C MET A 99 -2.74 -33.87 -56.30
N PHE A 100 -3.41 -33.14 -57.19
CA PHE A 100 -4.55 -32.31 -56.81
C PHE A 100 -5.67 -33.11 -56.14
N ALA A 101 -5.82 -34.37 -56.56
CA ALA A 101 -6.83 -35.24 -55.98
C ALA A 101 -6.45 -35.64 -54.57
N LYS A 102 -5.19 -36.06 -54.41
CA LYS A 102 -4.66 -36.38 -53.09
C LYS A 102 -4.82 -35.19 -52.16
N LEU A 103 -4.38 -34.01 -52.61
CA LEU A 103 -4.54 -32.80 -51.83
C LEU A 103 -6.01 -32.51 -51.57
N GLU A 104 -6.86 -32.73 -52.57
CA GLU A 104 -8.29 -32.52 -52.41
C GLU A 104 -8.80 -33.33 -51.22
N GLU A 105 -8.74 -34.65 -51.33
CA GLU A 105 -9.28 -35.51 -50.29
C GLU A 105 -8.60 -35.26 -48.95
N GLU A 106 -7.27 -35.22 -48.96
CA GLU A 106 -6.49 -35.03 -47.74
C GLU A 106 -6.82 -33.70 -47.05
N MET A 107 -6.60 -32.60 -47.77
CA MET A 107 -6.85 -31.26 -47.22
C MET A 107 -8.30 -31.11 -46.76
N THR A 108 -9.25 -31.62 -47.54
CA THR A 108 -10.65 -31.60 -47.11
C THR A 108 -10.81 -32.33 -45.77
N THR A 109 -10.23 -33.53 -45.69
CA THR A 109 -10.27 -34.30 -44.45
C THR A 109 -9.71 -33.51 -43.27
N TYR A 110 -8.47 -33.02 -43.43
CA TYR A 110 -7.79 -32.30 -42.36
C TYR A 110 -8.57 -31.05 -41.92
N ALA A 111 -9.06 -30.29 -42.91
CA ALA A 111 -9.85 -29.10 -42.62
C ALA A 111 -11.12 -29.47 -41.86
N TYR A 112 -11.79 -30.53 -42.32
CA TYR A 112 -12.96 -31.05 -41.62
C TYR A 112 -12.63 -31.37 -40.17
N TYR A 113 -11.53 -32.09 -39.95
CA TYR A 113 -11.09 -32.41 -38.60
C TYR A 113 -10.87 -31.15 -37.76
N TYR A 114 -10.09 -30.20 -38.30
CA TYR A 114 -9.84 -28.93 -37.61
C TYR A 114 -11.16 -28.27 -37.19
N THR A 115 -12.07 -28.14 -38.15
CA THR A 115 -13.39 -27.61 -37.87
C THR A 115 -14.03 -28.45 -36.76
N GLY A 116 -13.79 -29.75 -36.79
CA GLY A 116 -14.24 -30.64 -35.74
C GLY A 116 -13.68 -30.28 -34.38
N ILE A 117 -12.38 -30.03 -34.32
CA ILE A 117 -11.74 -29.68 -33.05
C ILE A 117 -12.28 -28.36 -32.50
N GLY A 118 -12.48 -27.39 -33.40
CA GLY A 118 -13.00 -26.09 -33.00
C GLY A 118 -14.27 -26.12 -32.15
N ALA A 119 -15.29 -26.81 -32.66
CA ALA A 119 -16.56 -26.93 -31.93
C ALA A 119 -16.32 -27.57 -30.57
N GLY A 120 -15.47 -28.60 -30.56
CA GLY A 120 -15.10 -29.27 -29.34
C GLY A 120 -14.55 -28.29 -28.32
N VAL A 121 -13.43 -27.66 -28.66
CA VAL A 121 -12.77 -26.73 -27.75
C VAL A 121 -13.74 -25.65 -27.28
N LEU A 122 -14.58 -25.16 -28.19
CA LEU A 122 -15.64 -24.22 -27.82
C LEU A 122 -16.47 -24.79 -26.65
N ILE A 123 -17.16 -25.89 -26.93
CA ILE A 123 -18.02 -26.51 -25.93
C ILE A 123 -17.29 -26.76 -24.61
N VAL A 124 -16.18 -27.50 -24.68
CA VAL A 124 -15.48 -27.90 -23.45
C VAL A 124 -14.95 -26.69 -22.68
N ALA A 125 -14.47 -25.68 -23.39
CA ALA A 125 -14.02 -24.45 -22.74
C ALA A 125 -15.16 -23.85 -21.94
N TYR A 126 -16.30 -23.66 -22.60
CA TYR A 126 -17.47 -23.13 -21.91
C TYR A 126 -17.81 -23.94 -20.67
N ILE A 127 -18.03 -25.25 -20.87
CA ILE A 127 -18.35 -26.17 -19.77
C ILE A 127 -17.38 -25.97 -18.61
N GLN A 128 -16.10 -26.10 -18.92
CA GLN A 128 -15.02 -25.96 -17.95
C GLN A 128 -15.19 -24.71 -17.10
N VAL A 129 -15.02 -23.54 -17.72
CA VAL A 129 -14.99 -22.29 -16.95
C VAL A 129 -16.32 -22.03 -16.25
N SER A 130 -17.41 -22.23 -16.97
CA SER A 130 -18.74 -22.02 -16.40
C SER A 130 -18.92 -22.85 -15.14
N PHE A 131 -18.80 -24.17 -15.28
CA PHE A 131 -19.04 -25.07 -14.16
C PHE A 131 -18.14 -24.75 -12.97
N TRP A 132 -16.85 -24.64 -13.20
CA TRP A 132 -15.95 -24.37 -12.08
C TRP A 132 -16.30 -23.06 -11.38
N CYS A 133 -16.57 -22.02 -12.16
CA CYS A 133 -16.96 -20.74 -11.57
C CYS A 133 -18.27 -20.85 -10.78
N LEU A 134 -19.21 -21.62 -11.31
CA LEU A 134 -20.49 -21.84 -10.63
C LEU A 134 -20.26 -22.49 -9.27
N ALA A 135 -19.49 -23.57 -9.27
CA ALA A 135 -19.14 -24.25 -8.02
C ALA A 135 -18.52 -23.27 -7.04
N ALA A 136 -17.53 -22.53 -7.53
CA ALA A 136 -16.87 -21.50 -6.72
C ALA A 136 -17.89 -20.59 -6.05
N GLY A 137 -18.73 -19.93 -6.85
CA GLY A 137 -19.73 -19.04 -6.31
C GLY A 137 -20.60 -19.71 -5.25
N ARG A 138 -21.22 -20.82 -5.65
CA ARG A 138 -22.14 -21.55 -4.78
C ARG A 138 -21.50 -21.88 -3.43
N GLN A 139 -20.23 -22.28 -3.45
CA GLN A 139 -19.53 -22.55 -2.20
C GLN A 139 -19.23 -21.29 -1.40
N ILE A 140 -18.55 -20.34 -2.05
CA ILE A 140 -18.11 -19.12 -1.38
C ILE A 140 -19.27 -18.43 -0.65
N HIS A 141 -20.45 -18.41 -1.28
CA HIS A 141 -21.64 -17.85 -0.63
C HIS A 141 -21.83 -18.45 0.76
N LYS A 142 -21.93 -19.78 0.79
CA LYS A 142 -22.11 -20.52 2.02
C LYS A 142 -20.97 -20.22 2.99
N ILE A 143 -19.73 -20.23 2.49
CA ILE A 143 -18.57 -19.91 3.31
C ILE A 143 -18.77 -18.58 4.04
N ARG A 144 -19.08 -17.54 3.28
CA ARG A 144 -19.30 -16.21 3.84
C ARG A 144 -20.36 -16.23 4.92
N GLN A 145 -21.54 -16.75 4.58
CA GLN A 145 -22.63 -16.81 5.54
C GLN A 145 -22.21 -17.49 6.84
N LYS A 146 -21.75 -18.74 6.71
CA LYS A 146 -21.33 -19.54 7.86
C LYS A 146 -20.28 -18.81 8.68
N PHE A 147 -19.30 -18.23 8.00
CA PHE A 147 -18.21 -17.55 8.67
C PHE A 147 -18.72 -16.37 9.49
N PHE A 148 -19.52 -15.50 8.88
CA PHE A 148 -20.05 -14.36 9.62
C PHE A 148 -20.87 -14.83 10.82
N HIS A 149 -21.68 -15.86 10.61
CA HIS A 149 -22.43 -16.46 11.72
C HIS A 149 -21.47 -16.85 12.83
N ALA A 150 -20.39 -17.54 12.46
CA ALA A 150 -19.38 -17.97 13.43
C ALA A 150 -18.81 -16.79 14.19
N ILE A 151 -18.40 -15.75 13.46
CA ILE A 151 -17.89 -14.53 14.07
C ILE A 151 -18.88 -14.04 15.12
N MET A 152 -20.14 -13.92 14.71
CA MET A 152 -21.18 -13.42 15.61
C MET A 152 -21.42 -14.36 16.78
N ASN A 153 -21.22 -15.66 16.56
CA ASN A 153 -21.46 -16.67 17.59
C ASN A 153 -20.36 -16.79 18.67
N GLN A 154 -19.23 -16.12 18.47
CA GLN A 154 -18.14 -16.16 19.45
C GLN A 154 -18.54 -15.48 20.75
N GLU A 155 -17.98 -15.92 21.86
CA GLU A 155 -18.21 -15.25 23.15
C GLU A 155 -17.24 -14.09 23.31
N ILE A 156 -17.58 -13.17 24.21
CA ILE A 156 -16.85 -11.92 24.34
C ILE A 156 -15.38 -12.12 24.69
N GLY A 157 -15.10 -13.07 25.57
CA GLY A 157 -13.72 -13.37 25.93
C GLY A 157 -12.90 -13.65 24.69
N TRP A 158 -13.55 -14.21 23.67
CA TRP A 158 -12.86 -14.53 22.43
C TRP A 158 -12.49 -13.26 21.70
N PHE A 159 -13.31 -12.22 21.85
CA PHE A 159 -13.04 -10.94 21.21
C PHE A 159 -11.99 -10.17 21.99
N ASP A 160 -12.08 -10.22 23.33
CA ASP A 160 -11.14 -9.50 24.18
C ASP A 160 -9.67 -9.84 23.91
N VAL A 161 -9.43 -10.96 23.25
CA VAL A 161 -8.07 -11.41 22.98
C VAL A 161 -7.67 -11.28 21.52
N HIS A 162 -8.56 -10.72 20.69
CA HIS A 162 -8.32 -10.63 19.26
C HIS A 162 -8.55 -9.24 18.68
N ASP A 163 -7.87 -8.94 17.57
CA ASP A 163 -8.05 -7.68 16.86
C ASP A 163 -9.21 -7.79 15.87
N VAL A 164 -10.21 -6.95 16.05
CA VAL A 164 -11.41 -7.00 15.21
C VAL A 164 -11.11 -6.59 13.77
N GLY A 165 -10.28 -5.57 13.61
CA GLY A 165 -9.92 -5.09 12.28
C GLY A 165 -9.29 -6.20 11.47
N GLU A 166 -8.29 -6.85 12.07
CA GLU A 166 -7.62 -7.97 11.43
C GLU A 166 -8.62 -9.06 11.07
N LEU A 167 -9.62 -9.23 11.92
CA LEU A 167 -10.63 -10.28 11.73
C LEU A 167 -11.58 -9.95 10.57
N ASN A 168 -12.01 -8.70 10.49
CA ASN A 168 -12.86 -8.27 9.40
C ASN A 168 -12.11 -8.28 8.07
N THR A 169 -10.92 -7.68 8.07
CA THR A 169 -10.06 -7.72 6.90
C THR A 169 -9.74 -9.17 6.56
N ARG A 170 -9.58 -10.00 7.59
CA ARG A 170 -9.36 -11.43 7.39
C ARG A 170 -10.52 -12.05 6.64
N LEU A 171 -11.75 -11.75 7.08
CA LEU A 171 -12.94 -12.20 6.38
C LEU A 171 -12.85 -11.81 4.90
N THR A 172 -12.92 -10.51 4.66
CA THR A 172 -13.04 -9.99 3.30
C THR A 172 -11.88 -10.39 2.39
N ASP A 173 -10.67 -10.47 2.94
CA ASP A 173 -9.50 -10.82 2.15
C ASP A 173 -9.36 -12.33 1.95
N ASP A 174 -9.53 -13.11 3.00
CA ASP A 174 -9.31 -14.55 2.92
C ASP A 174 -10.36 -15.26 2.09
N VAL A 175 -11.63 -14.89 2.26
CA VAL A 175 -12.65 -15.59 1.48
C VAL A 175 -12.38 -15.43 -0.01
N SER A 176 -11.87 -14.26 -0.38
CA SER A 176 -11.51 -13.98 -1.77
C SER A 176 -10.40 -14.93 -2.24
N LYS A 177 -9.43 -15.19 -1.37
CA LYS A 177 -8.34 -16.11 -1.68
C LYS A 177 -8.90 -17.51 -1.90
N ILE A 178 -9.75 -17.96 -0.98
CA ILE A 178 -10.42 -19.24 -1.14
C ILE A 178 -11.16 -19.29 -2.48
N ASN A 179 -11.84 -18.19 -2.81
CA ASN A 179 -12.52 -18.08 -4.10
C ASN A 179 -11.55 -18.27 -5.27
N GLU A 180 -10.45 -17.52 -5.24
CA GLU A 180 -9.42 -17.66 -6.27
C GLU A 180 -8.91 -19.09 -6.32
N GLY A 181 -8.91 -19.74 -5.15
CA GLY A 181 -8.50 -21.13 -5.06
C GLY A 181 -9.42 -22.13 -5.73
N ILE A 182 -10.67 -22.17 -5.29
CA ILE A 182 -11.60 -23.18 -5.81
C ILE A 182 -12.20 -22.79 -7.16
N GLY A 183 -11.70 -21.72 -7.76
CA GLY A 183 -12.26 -21.20 -9.00
C GLY A 183 -11.90 -22.01 -10.23
N ASP A 184 -11.91 -21.35 -11.38
CA ASP A 184 -11.61 -21.99 -12.65
C ASP A 184 -10.13 -22.37 -12.76
N LYS A 185 -9.33 -21.95 -11.78
CA LYS A 185 -7.90 -22.24 -11.79
C LYS A 185 -7.64 -23.75 -11.81
N ILE A 186 -8.47 -24.51 -11.12
CA ILE A 186 -8.33 -25.96 -11.09
C ILE A 186 -8.50 -26.52 -12.50
N GLY A 187 -9.54 -26.06 -13.18
CA GLY A 187 -9.81 -26.50 -14.55
C GLY A 187 -8.60 -26.26 -15.42
N MET A 188 -7.99 -25.10 -15.27
CA MET A 188 -6.80 -24.75 -16.02
C MET A 188 -5.66 -25.69 -15.63
N PHE A 189 -5.53 -25.99 -14.34
CA PHE A 189 -4.51 -26.93 -13.88
C PHE A 189 -4.65 -28.30 -14.55
N PHE A 190 -5.83 -28.89 -14.47
CA PHE A 190 -6.06 -30.20 -15.07
C PHE A 190 -5.90 -30.14 -16.60
N GLN A 191 -6.41 -29.08 -17.21
CA GLN A 191 -6.21 -28.85 -18.64
C GLN A 191 -4.71 -28.89 -18.97
N ALA A 192 -3.92 -28.16 -18.18
CA ALA A 192 -2.48 -28.10 -18.39
C ALA A 192 -1.85 -29.48 -18.24
N MET A 193 -2.20 -30.17 -17.16
CA MET A 193 -1.72 -31.55 -16.96
C MET A 193 -2.11 -32.41 -18.14
N ALA A 194 -3.29 -32.15 -18.70
CA ALA A 194 -3.78 -32.91 -19.84
C ALA A 194 -2.99 -32.61 -21.10
N THR A 195 -2.66 -31.34 -21.35
CA THR A 195 -1.77 -31.03 -22.47
C THR A 195 -0.40 -31.63 -22.24
N PHE A 196 0.03 -31.68 -20.97
CA PHE A 196 1.31 -32.26 -20.62
C PHE A 196 1.37 -33.74 -20.98
N PHE A 197 0.49 -34.53 -20.36
CA PHE A 197 0.41 -35.95 -20.68
C PHE A 197 0.11 -36.13 -22.17
N GLY A 198 -0.99 -35.54 -22.62
CA GLY A 198 -1.42 -35.65 -24.00
C GLY A 198 -0.32 -35.29 -24.99
N GLY A 199 0.50 -34.32 -24.62
CA GLY A 199 1.62 -33.93 -25.44
C GLY A 199 2.69 -35.00 -25.45
N PHE A 200 3.11 -35.42 -24.26
CA PHE A 200 4.18 -36.39 -24.15
C PHE A 200 3.80 -37.78 -24.68
N ILE A 201 2.52 -38.11 -24.62
CA ILE A 201 2.04 -39.40 -25.11
C ILE A 201 2.24 -39.45 -26.63
N ILE A 202 1.72 -38.45 -27.33
CA ILE A 202 1.89 -38.36 -28.77
C ILE A 202 3.38 -38.25 -29.09
N GLY A 203 4.06 -37.38 -28.36
CA GLY A 203 5.49 -37.19 -28.52
C GLY A 203 6.25 -38.51 -28.49
N PHE A 204 5.97 -39.33 -27.47
CA PHE A 204 6.61 -40.63 -27.33
C PHE A 204 6.18 -41.62 -28.42
N THR A 205 4.87 -41.79 -28.57
CA THR A 205 4.34 -42.81 -29.46
C THR A 205 4.72 -42.57 -30.93
N ARG A 206 4.78 -41.32 -31.35
CA ARG A 206 5.21 -41.04 -32.72
C ARG A 206 6.72 -41.27 -32.89
N GLY A 207 7.45 -41.28 -31.77
CA GLY A 207 8.86 -41.58 -31.81
C GLY A 207 9.53 -41.37 -30.46
N TRP A 208 10.36 -42.32 -30.04
CA TRP A 208 10.97 -42.28 -28.71
C TRP A 208 12.26 -41.46 -28.69
N LYS A 209 12.97 -41.43 -29.80
CA LYS A 209 14.28 -40.79 -29.84
C LYS A 209 14.22 -39.27 -29.62
N LEU A 210 13.56 -38.57 -30.54
CA LEU A 210 13.51 -37.11 -30.49
C LEU A 210 13.01 -36.60 -29.15
N THR A 211 12.13 -37.36 -28.50
CA THR A 211 11.61 -36.97 -27.20
C THR A 211 12.75 -36.94 -26.18
N LEU A 212 13.52 -38.02 -26.13
CA LEU A 212 14.65 -38.11 -25.22
C LEU A 212 15.70 -37.05 -25.56
N VAL A 213 15.95 -36.87 -26.86
CA VAL A 213 16.88 -35.84 -27.32
C VAL A 213 16.38 -34.46 -26.92
N ILE A 214 15.07 -34.26 -26.94
CA ILE A 214 14.47 -33.02 -26.52
C ILE A 214 14.61 -32.87 -25.00
N LEU A 215 14.37 -33.95 -24.27
CA LEU A 215 14.50 -33.94 -22.82
C LEU A 215 15.95 -33.68 -22.41
N ALA A 216 16.88 -34.15 -23.23
CA ALA A 216 18.30 -33.95 -22.94
C ALA A 216 18.64 -32.47 -22.83
N ILE A 217 18.11 -31.65 -23.73
CA ILE A 217 18.39 -30.22 -23.75
C ILE A 217 17.49 -29.43 -22.81
N SER A 218 16.58 -30.13 -22.13
CA SER A 218 15.58 -29.47 -21.29
C SER A 218 16.16 -28.67 -20.12
N PRO A 219 17.16 -29.23 -19.39
CA PRO A 219 17.67 -28.52 -18.21
C PRO A 219 18.56 -27.31 -18.53
N VAL A 220 18.18 -26.54 -19.54
CA VAL A 220 18.89 -25.30 -19.89
C VAL A 220 17.89 -24.27 -20.36
N LEU A 221 17.15 -24.63 -21.41
CA LEU A 221 16.19 -23.75 -22.06
C LEU A 221 15.18 -23.11 -21.10
N GLY A 222 14.52 -23.96 -20.31
CA GLY A 222 13.54 -23.48 -19.35
C GLY A 222 14.15 -22.51 -18.36
N LEU A 223 15.32 -22.88 -17.84
CA LEU A 223 16.05 -22.05 -16.90
C LEU A 223 16.38 -20.70 -17.53
N SER A 224 16.84 -20.73 -18.78
CA SER A 224 17.17 -19.51 -19.51
C SER A 224 15.96 -18.61 -19.67
N ALA A 225 14.86 -19.18 -20.14
CA ALA A 225 13.61 -18.43 -20.30
C ALA A 225 13.20 -17.80 -18.98
N GLY A 226 13.22 -18.61 -17.92
CA GLY A 226 12.94 -18.12 -16.58
C GLY A 226 13.84 -16.94 -16.24
N ILE A 227 15.14 -17.11 -16.46
CA ILE A 227 16.10 -16.04 -16.19
C ILE A 227 15.72 -14.76 -16.91
N TRP A 228 15.48 -14.84 -18.22
CA TRP A 228 15.07 -13.66 -18.98
C TRP A 228 13.83 -13.00 -18.38
N ALA A 229 12.79 -13.81 -18.19
CA ALA A 229 11.55 -13.31 -17.58
C ALA A 229 11.85 -12.63 -16.24
N LYS A 230 12.78 -13.19 -15.48
CA LYS A 230 13.18 -12.62 -14.20
C LYS A 230 13.92 -11.28 -14.38
N ILE A 231 14.84 -11.23 -15.33
CA ILE A 231 15.62 -10.01 -15.53
C ILE A 231 14.73 -8.87 -16.01
N LEU A 232 13.76 -9.17 -16.87
CA LEU A 232 12.88 -8.11 -17.38
C LEU A 232 11.82 -7.64 -16.36
N SER A 233 11.96 -8.05 -15.11
CA SER A 233 11.07 -7.59 -14.04
C SER A 233 11.77 -6.57 -13.15
N SER A 234 12.86 -5.99 -13.68
CA SER A 234 13.78 -5.18 -12.87
C SER A 234 13.27 -3.78 -12.51
N PHE A 235 12.15 -3.36 -13.07
CA PHE A 235 11.70 -1.98 -12.91
C PHE A 235 11.13 -1.69 -11.52
N THR A 236 10.61 -2.71 -10.84
CA THR A 236 10.05 -2.51 -9.51
C THR A 236 11.12 -2.01 -8.55
N ASP A 237 10.71 -1.29 -7.52
CA ASP A 237 11.64 -0.56 -6.65
C ASP A 237 12.37 -1.45 -5.64
N LYS A 238 13.43 -2.10 -6.09
CA LYS A 238 14.44 -2.68 -5.20
C LYS A 238 15.75 -1.92 -5.42
N GLU A 239 15.68 -0.88 -6.25
CA GLU A 239 16.82 -0.02 -6.54
C GLU A 239 17.23 0.77 -5.29
N LEU A 240 16.41 0.70 -4.25
CA LEU A 240 16.69 1.35 -2.98
C LEU A 240 18.10 1.01 -2.49
N HIS A 241 18.52 -0.24 -2.70
CA HIS A 241 19.84 -0.68 -2.27
C HIS A 241 20.94 0.17 -2.93
N ALA A 242 20.73 0.53 -4.19
CA ALA A 242 21.70 1.33 -4.93
C ALA A 242 21.56 2.81 -4.56
N TYR A 243 20.33 3.28 -4.49
CA TYR A 243 20.06 4.70 -4.28
C TYR A 243 20.24 5.14 -2.82
N ALA A 244 20.08 4.21 -1.88
CA ALA A 244 20.02 4.56 -0.45
C ALA A 244 21.17 5.43 0.01
N LYS A 245 22.35 5.22 -0.57
CA LYS A 245 23.52 6.00 -0.22
C LYS A 245 23.26 7.49 -0.46
N ALA A 246 22.75 7.82 -1.64
CA ALA A 246 22.39 9.20 -1.96
C ALA A 246 21.16 9.61 -1.18
N GLY A 247 20.22 8.66 -1.04
CA GLY A 247 18.99 8.91 -0.31
C GLY A 247 19.25 9.36 1.11
N ALA A 248 20.28 8.81 1.74
CA ALA A 248 20.65 9.19 3.09
C ALA A 248 21.10 10.65 3.14
N VAL A 249 21.98 11.02 2.21
CA VAL A 249 22.45 12.40 2.09
C VAL A 249 21.23 13.30 1.93
N ALA A 250 20.42 12.98 0.93
CA ALA A 250 19.21 13.73 0.65
C ALA A 250 18.33 13.88 1.89
N GLU A 251 18.14 12.78 2.62
CA GLU A 251 17.28 12.83 3.80
C GLU A 251 17.87 13.71 4.90
N GLU A 252 19.13 13.50 5.25
CA GLU A 252 19.74 14.31 6.30
C GLU A 252 19.82 15.78 5.90
N VAL A 253 19.99 16.03 4.61
CA VAL A 253 19.95 17.39 4.09
C VAL A 253 18.57 18.00 4.27
N LEU A 254 17.57 17.41 3.60
CA LEU A 254 16.23 17.97 3.62
C LEU A 254 15.64 18.03 5.03
N ALA A 255 16.05 17.10 5.89
CA ALA A 255 15.60 17.14 7.28
C ALA A 255 16.28 18.29 8.04
N ALA A 256 17.46 18.68 7.57
CA ALA A 256 18.22 19.74 8.20
C ALA A 256 18.16 21.04 7.38
N ILE A 257 17.14 21.14 6.55
CA ILE A 257 17.07 22.19 5.51
C ILE A 257 17.34 23.61 6.02
N ARG A 258 16.80 23.95 7.19
CA ARG A 258 16.90 25.31 7.70
C ARG A 258 18.34 25.66 8.09
N THR A 259 19.11 24.64 8.46
CA THR A 259 20.50 24.85 8.86
C THR A 259 21.37 25.05 7.62
N VAL A 260 21.15 24.22 6.60
CA VAL A 260 21.87 24.39 5.34
C VAL A 260 21.44 25.70 4.67
N ILE A 261 20.17 26.07 4.84
CA ILE A 261 19.67 27.35 4.34
C ILE A 261 20.34 28.49 5.10
N ALA A 262 20.35 28.39 6.42
CA ALA A 262 20.93 29.41 7.28
C ALA A 262 22.42 29.61 6.97
N PHE A 263 23.14 28.50 6.80
CA PHE A 263 24.57 28.57 6.53
C PHE A 263 24.88 28.52 5.03
N GLY A 264 23.84 28.50 4.21
CA GLY A 264 23.98 28.59 2.76
C GLY A 264 24.94 27.59 2.15
N GLY A 265 24.92 26.37 2.66
CA GLY A 265 25.80 25.32 2.16
C GLY A 265 25.14 24.51 1.06
N GLN A 266 24.19 25.12 0.36
CA GLN A 266 23.41 24.42 -0.66
C GLN A 266 24.27 23.84 -1.78
N LYS A 267 25.25 24.60 -2.23
CA LYS A 267 26.15 24.14 -3.28
C LYS A 267 26.87 22.87 -2.85
N LYS A 268 27.27 22.82 -1.58
CA LYS A 268 27.95 21.64 -1.05
C LYS A 268 27.04 20.41 -1.04
N GLU A 269 25.84 20.55 -0.48
CA GLU A 269 24.90 19.43 -0.43
C GLU A 269 24.58 18.94 -1.83
N LEU A 270 24.34 19.88 -2.74
CA LEU A 270 24.14 19.54 -4.15
C LEU A 270 25.33 18.76 -4.69
N GLU A 271 26.53 19.25 -4.39
CA GLU A 271 27.76 18.57 -4.80
C GLU A 271 27.79 17.11 -4.30
N ARG A 272 27.60 16.93 -3.00
CA ARG A 272 27.60 15.58 -2.42
C ARG A 272 26.60 14.68 -3.13
N TYR A 273 25.36 15.15 -3.21
CA TYR A 273 24.30 14.41 -3.87
C TYR A 273 24.73 14.03 -5.29
N ASN A 274 25.31 14.98 -6.01
CA ASN A 274 25.79 14.72 -7.36
C ASN A 274 26.85 13.62 -7.38
N ASN A 275 27.79 13.67 -6.44
CA ASN A 275 28.81 12.63 -6.33
C ASN A 275 28.19 11.24 -6.13
N ASN A 276 27.29 11.14 -5.15
CA ASN A 276 26.62 9.88 -4.90
C ASN A 276 25.88 9.39 -6.15
N LEU A 277 25.18 10.30 -6.84
CA LEU A 277 24.56 9.96 -8.11
C LEU A 277 25.60 9.46 -9.11
N GLU A 278 26.76 10.12 -9.12
CA GLU A 278 27.84 9.75 -10.02
C GLU A 278 28.21 8.29 -9.80
N GLU A 279 28.36 7.90 -8.54
CA GLU A 279 28.60 6.48 -8.23
C GLU A 279 27.45 5.59 -8.69
N ALA A 280 26.23 5.99 -8.31
CA ALA A 280 25.03 5.23 -8.64
C ALA A 280 24.94 4.90 -10.12
N LYS A 281 25.14 5.89 -10.99
CA LYS A 281 25.04 5.66 -12.43
C LYS A 281 26.08 4.62 -12.91
N ARG A 282 27.29 4.68 -12.38
CA ARG A 282 28.33 3.72 -12.73
C ARG A 282 27.89 2.31 -12.37
N LEU A 283 27.44 2.15 -11.13
CA LEU A 283 26.91 0.86 -10.70
C LEU A 283 25.78 0.42 -11.64
N GLY A 284 24.95 1.39 -12.02
CA GLY A 284 23.88 1.15 -12.96
C GLY A 284 24.36 0.58 -14.29
N ILE A 285 25.27 1.29 -14.97
CA ILE A 285 25.76 0.82 -16.25
C ILE A 285 26.40 -0.55 -16.13
N LYS A 286 27.12 -0.79 -15.04
CA LYS A 286 27.65 -2.14 -14.79
C LYS A 286 26.53 -3.19 -14.80
N LYS A 287 25.51 -2.95 -13.97
CA LYS A 287 24.36 -3.85 -13.92
C LYS A 287 23.75 -4.04 -15.32
N ALA A 288 23.63 -2.95 -16.07
CA ALA A 288 23.09 -3.00 -17.43
C ALA A 288 23.90 -3.96 -18.29
N ILE A 289 25.21 -3.75 -18.34
CA ILE A 289 26.11 -4.62 -19.10
C ILE A 289 25.88 -6.08 -18.74
N THR A 290 26.00 -6.40 -17.45
CA THR A 290 25.87 -7.79 -17.01
C THR A 290 24.51 -8.39 -17.38
N ALA A 291 23.44 -7.65 -17.10
CA ALA A 291 22.08 -8.13 -17.39
C ALA A 291 21.88 -8.38 -18.88
N ASN A 292 22.32 -7.44 -19.70
CA ASN A 292 22.20 -7.61 -21.15
C ASN A 292 22.99 -8.81 -21.64
N ILE A 293 24.21 -8.97 -21.16
CA ILE A 293 25.00 -10.15 -21.48
C ILE A 293 24.21 -11.40 -21.09
N SER A 294 23.67 -11.41 -19.88
CA SER A 294 22.89 -12.55 -19.40
C SER A 294 21.72 -12.90 -20.33
N MET A 295 20.88 -11.90 -20.60
CA MET A 295 19.72 -12.12 -21.48
C MET A 295 20.14 -12.61 -22.86
N GLY A 296 21.13 -11.94 -23.44
CA GLY A 296 21.66 -12.35 -24.74
C GLY A 296 22.10 -13.80 -24.74
N ALA A 297 22.91 -14.17 -23.75
CA ALA A 297 23.38 -15.55 -23.62
C ALA A 297 22.22 -16.53 -23.50
N ALA A 298 21.25 -16.20 -22.66
CA ALA A 298 20.05 -17.02 -22.52
C ALA A 298 19.42 -17.26 -23.89
N PHE A 299 19.15 -16.17 -24.60
CA PHE A 299 18.59 -16.25 -25.94
C PHE A 299 19.44 -17.15 -26.83
N LEU A 300 20.76 -16.97 -26.80
CA LEU A 300 21.65 -17.82 -27.60
C LEU A 300 21.47 -19.29 -27.28
N LEU A 301 21.44 -19.62 -25.99
CA LEU A 301 21.27 -21.03 -25.60
C LEU A 301 19.95 -21.59 -26.12
N ILE A 302 18.86 -20.83 -25.92
CA ILE A 302 17.57 -21.23 -26.46
C ILE A 302 17.66 -21.49 -27.97
N TYR A 303 18.19 -20.51 -28.71
CA TYR A 303 18.38 -20.64 -30.15
C TYR A 303 19.16 -21.92 -30.49
N ALA A 304 20.29 -22.08 -29.82
CA ALA A 304 21.23 -23.15 -30.12
C ALA A 304 20.59 -24.51 -29.93
N SER A 305 19.97 -24.73 -28.77
CA SER A 305 19.32 -26.01 -28.53
C SER A 305 18.15 -26.20 -29.50
N TYR A 306 17.37 -25.14 -29.70
CA TYR A 306 16.24 -25.17 -30.61
C TYR A 306 16.65 -25.60 -32.01
N ALA A 307 17.78 -25.08 -32.49
CA ALA A 307 18.29 -25.46 -33.80
C ALA A 307 18.90 -26.86 -33.78
N LEU A 308 19.66 -27.14 -32.73
CA LEU A 308 20.37 -28.41 -32.60
C LEU A 308 19.40 -29.59 -32.67
N ALA A 309 18.32 -29.50 -31.89
CA ALA A 309 17.30 -30.54 -31.90
C ALA A 309 16.78 -30.78 -33.30
N PHE A 310 16.60 -29.70 -34.06
CA PHE A 310 16.10 -29.80 -35.42
C PHE A 310 17.13 -30.39 -36.37
N TRP A 311 18.40 -30.04 -36.16
CA TRP A 311 19.46 -30.66 -36.96
C TRP A 311 19.48 -32.16 -36.73
N TYR A 312 19.38 -32.58 -35.48
CA TYR A 312 19.29 -34.01 -35.18
C TYR A 312 18.04 -34.60 -35.84
N GLY A 313 16.95 -33.85 -35.78
CA GLY A 313 15.74 -34.21 -36.51
C GLY A 313 16.05 -34.56 -37.95
N THR A 314 16.58 -33.59 -38.69
CA THR A 314 16.95 -33.80 -40.09
C THR A 314 17.86 -35.02 -40.23
N SER A 315 18.85 -35.13 -39.35
CA SER A 315 19.76 -36.27 -39.34
C SER A 315 18.99 -37.58 -39.22
N LEU A 316 17.87 -37.55 -38.50
CA LEU A 316 16.99 -38.71 -38.46
C LEU A 316 16.11 -38.84 -39.69
N VAL A 317 15.69 -37.72 -40.30
CA VAL A 317 14.88 -37.81 -41.51
C VAL A 317 15.66 -38.35 -42.71
N ILE A 318 16.93 -37.95 -42.84
CA ILE A 318 17.75 -38.40 -43.96
C ILE A 318 17.93 -39.92 -43.95
N SER A 319 17.97 -40.50 -42.75
CA SER A 319 18.08 -41.94 -42.59
C SER A 319 16.74 -42.62 -42.87
N LYS A 320 15.73 -41.82 -43.21
CA LYS A 320 14.40 -42.34 -43.52
C LYS A 320 13.78 -43.08 -42.34
N GLU A 321 14.27 -42.77 -41.14
CA GLU A 321 13.74 -43.40 -39.93
C GLU A 321 12.44 -42.71 -39.53
N TYR A 322 12.39 -41.40 -39.75
CA TYR A 322 11.21 -40.60 -39.45
C TYR A 322 10.73 -39.84 -40.68
N SER A 323 9.42 -39.61 -40.75
CA SER A 323 8.84 -38.77 -41.78
C SER A 323 9.03 -37.31 -41.38
N ILE A 324 9.18 -36.44 -42.38
CA ILE A 324 9.44 -35.03 -42.11
C ILE A 324 8.34 -34.41 -41.24
N GLY A 325 7.10 -34.80 -41.48
CA GLY A 325 5.98 -34.26 -40.72
C GLY A 325 5.96 -34.76 -39.30
N GLN A 326 6.29 -36.04 -39.13
CA GLN A 326 6.35 -36.64 -37.80
C GLN A 326 7.29 -35.87 -36.90
N VAL A 327 8.44 -35.47 -37.46
CA VAL A 327 9.41 -34.66 -36.72
C VAL A 327 8.71 -33.45 -36.12
N LEU A 328 8.03 -32.70 -36.97
CA LEU A 328 7.29 -31.53 -36.53
C LEU A 328 6.32 -31.94 -35.43
N THR A 329 5.49 -32.95 -35.72
CA THR A 329 4.50 -33.42 -34.76
C THR A 329 5.10 -33.66 -33.38
N VAL A 330 6.10 -34.52 -33.29
CA VAL A 330 6.69 -34.84 -31.99
C VAL A 330 7.36 -33.62 -31.37
N PHE A 331 8.11 -32.87 -32.17
CA PHE A 331 8.82 -31.70 -31.69
C PHE A 331 7.85 -30.77 -30.97
N PHE A 332 6.82 -30.36 -31.71
CA PHE A 332 5.86 -29.41 -31.21
C PHE A 332 5.00 -29.99 -30.08
N SER A 333 4.56 -31.24 -30.23
CA SER A 333 3.79 -31.89 -29.17
C SER A 333 4.57 -31.93 -27.86
N VAL A 334 5.83 -32.33 -27.93
CA VAL A 334 6.67 -32.41 -26.75
C VAL A 334 6.93 -31.03 -26.15
N LEU A 335 7.37 -30.08 -26.98
CA LEU A 335 7.65 -28.74 -26.46
C LEU A 335 6.40 -28.11 -25.83
N ILE A 336 5.26 -28.31 -26.47
CA ILE A 336 3.98 -27.93 -25.87
C ILE A 336 3.88 -28.57 -24.49
N GLY A 337 3.94 -29.90 -24.47
CA GLY A 337 3.83 -30.65 -23.23
C GLY A 337 4.81 -30.20 -22.17
N ALA A 338 5.99 -29.76 -22.59
CA ALA A 338 7.01 -29.29 -21.66
C ALA A 338 6.64 -27.92 -21.10
N PHE A 339 6.24 -27.02 -21.99
CA PHE A 339 5.83 -25.69 -21.57
C PHE A 339 4.62 -25.76 -20.64
N SER A 340 3.75 -26.73 -20.89
CA SER A 340 2.55 -26.93 -20.09
C SER A 340 2.83 -26.94 -18.58
N VAL A 341 3.97 -27.48 -18.19
CA VAL A 341 4.33 -27.55 -16.77
C VAL A 341 4.55 -26.15 -16.20
N GLY A 342 5.43 -25.39 -16.86
CA GLY A 342 5.70 -24.02 -16.47
C GLY A 342 4.43 -23.21 -16.44
N GLN A 343 3.56 -23.44 -17.42
CA GLN A 343 2.27 -22.76 -17.47
C GLN A 343 1.28 -23.30 -16.44
N ALA A 344 1.47 -24.56 -16.04
CA ALA A 344 0.60 -25.17 -15.03
C ALA A 344 0.90 -24.66 -13.63
N SER A 345 2.19 -24.61 -13.29
CA SER A 345 2.66 -24.36 -11.91
C SER A 345 1.89 -23.31 -11.10
N PRO A 346 1.60 -22.13 -11.68
CA PRO A 346 0.99 -21.06 -10.90
C PRO A 346 -0.35 -21.40 -10.25
N ASN A 347 -1.14 -22.27 -10.89
CA ASN A 347 -2.45 -22.63 -10.35
C ASN A 347 -2.33 -23.54 -9.12
N ILE A 348 -1.19 -24.21 -8.99
CA ILE A 348 -0.92 -24.99 -7.79
C ILE A 348 -0.85 -24.06 -6.60
N GLU A 349 -0.09 -22.98 -6.77
CA GLU A 349 0.11 -21.99 -5.72
C GLU A 349 -1.23 -21.38 -5.32
N ALA A 350 -2.10 -21.20 -6.31
CA ALA A 350 -3.41 -20.62 -6.08
C ALA A 350 -4.23 -21.48 -5.12
N PHE A 351 -4.36 -22.75 -5.46
CA PHE A 351 -5.08 -23.69 -4.61
C PHE A 351 -4.34 -23.87 -3.29
N ALA A 352 -3.02 -23.85 -3.34
CA ALA A 352 -2.20 -24.04 -2.15
C ALA A 352 -2.44 -22.90 -1.15
N ASN A 353 -2.40 -21.67 -1.64
CA ASN A 353 -2.68 -20.53 -0.79
C ASN A 353 -4.10 -20.56 -0.24
N ALA A 354 -5.00 -21.18 -1.01
CA ALA A 354 -6.41 -21.18 -0.69
C ALA A 354 -6.73 -22.05 0.52
N ARG A 355 -5.99 -23.16 0.66
CA ARG A 355 -6.17 -24.00 1.82
C ARG A 355 -5.70 -23.24 3.05
N GLY A 356 -4.50 -22.66 2.96
CA GLY A 356 -3.93 -21.92 4.06
C GLY A 356 -4.86 -20.84 4.55
N ALA A 357 -5.48 -20.14 3.60
CA ALA A 357 -6.45 -19.10 3.94
C ALA A 357 -7.69 -19.71 4.57
N ALA A 358 -8.06 -20.89 4.10
CA ALA A 358 -9.25 -21.58 4.56
C ALA A 358 -9.08 -22.15 5.97
N TYR A 359 -7.83 -22.28 6.40
CA TYR A 359 -7.56 -22.81 7.74
C TYR A 359 -8.13 -21.89 8.81
N GLU A 360 -7.68 -20.65 8.82
CA GLU A 360 -8.05 -19.73 9.88
C GLU A 360 -9.53 -19.35 9.81
N VAL A 361 -10.11 -19.46 8.62
CA VAL A 361 -11.53 -19.20 8.42
C VAL A 361 -12.35 -20.32 9.04
N PHE A 362 -12.12 -21.55 8.60
CA PHE A 362 -12.84 -22.70 9.13
C PHE A 362 -12.60 -22.87 10.63
N LYS A 363 -11.47 -22.36 11.12
CA LYS A 363 -11.14 -22.49 12.53
C LYS A 363 -12.16 -21.77 13.39
N ILE A 364 -12.72 -20.68 12.87
CA ILE A 364 -13.74 -19.94 13.61
C ILE A 364 -15.07 -20.66 13.47
N ILE A 365 -15.31 -21.23 12.30
CA ILE A 365 -16.59 -21.87 12.03
C ILE A 365 -16.73 -23.18 12.81
N ASP A 366 -15.64 -23.95 12.88
CA ASP A 366 -15.67 -25.23 13.60
C ASP A 366 -15.67 -25.00 15.10
N ASN A 367 -15.07 -23.89 15.53
CA ASN A 367 -15.03 -23.54 16.96
C ASN A 367 -16.43 -23.43 17.55
N LYS A 368 -16.64 -24.12 18.67
CA LYS A 368 -17.89 -24.05 19.40
C LYS A 368 -17.65 -23.44 20.78
N PRO A 369 -18.41 -22.38 21.13
CA PRO A 369 -18.13 -21.69 22.39
C PRO A 369 -18.77 -22.40 23.57
N SER A 370 -18.49 -21.91 24.78
CA SER A 370 -19.12 -22.42 26.00
C SER A 370 -20.44 -21.70 26.27
N ILE A 371 -20.51 -20.45 25.82
CA ILE A 371 -21.66 -19.59 26.12
C ILE A 371 -22.75 -19.69 25.04
N ASP A 372 -22.33 -19.85 23.79
CA ASP A 372 -23.26 -19.84 22.65
C ASP A 372 -24.01 -18.49 22.55
N SER A 373 -25.28 -18.46 22.95
CA SER A 373 -26.21 -17.33 22.70
C SER A 373 -26.95 -17.52 21.38
N PHE A 374 -26.51 -18.49 20.59
CA PHE A 374 -27.25 -18.94 19.41
C PHE A 374 -27.90 -20.30 19.71
N SER A 375 -27.83 -20.72 20.97
CA SER A 375 -28.41 -21.99 21.39
C SER A 375 -29.83 -21.79 21.92
N LYS A 376 -30.70 -22.77 21.63
CA LYS A 376 -32.03 -22.82 22.22
C LYS A 376 -32.01 -23.88 23.32
N SER A 377 -31.73 -23.46 24.54
CA SER A 377 -31.57 -24.39 25.64
C SER A 377 -31.54 -23.65 26.96
N GLY A 378 -31.82 -24.37 28.03
CA GLY A 378 -31.87 -23.78 29.36
C GLY A 378 -33.24 -23.22 29.67
N HIS A 379 -33.43 -22.78 30.91
CA HIS A 379 -34.76 -22.36 31.36
C HIS A 379 -35.07 -20.92 30.94
N LYS A 380 -36.35 -20.66 30.67
CA LYS A 380 -36.84 -19.33 30.36
C LYS A 380 -37.91 -18.95 31.37
N PRO A 381 -37.50 -18.61 32.60
CA PRO A 381 -38.43 -18.44 33.73
C PRO A 381 -39.46 -17.35 33.50
N ASP A 382 -40.67 -17.56 34.03
CA ASP A 382 -41.73 -16.58 33.95
C ASP A 382 -41.93 -15.95 35.32
N ASN A 383 -42.42 -14.71 35.33
CA ASN A 383 -42.66 -13.98 36.57
C ASN A 383 -41.39 -13.81 37.40
N ILE A 384 -40.35 -13.28 36.78
CA ILE A 384 -39.09 -13.01 37.45
C ILE A 384 -39.26 -11.80 38.36
N GLN A 385 -39.04 -11.99 39.66
CA GLN A 385 -39.21 -10.91 40.63
C GLN A 385 -37.94 -10.05 40.77
N GLY A 386 -36.81 -10.59 40.30
CA GLY A 386 -35.57 -9.84 40.27
C GLY A 386 -34.84 -9.80 41.60
N ASN A 387 -34.62 -10.96 42.20
CA ASN A 387 -33.82 -11.06 43.42
C ASN A 387 -32.43 -11.57 43.10
N LEU A 388 -31.46 -10.67 43.06
CA LEU A 388 -30.11 -11.00 42.61
C LEU A 388 -29.15 -11.17 43.79
N GLU A 389 -28.27 -12.16 43.68
CA GLU A 389 -27.18 -12.31 44.65
C GLU A 389 -25.89 -12.82 44.02
N PHE A 390 -24.79 -12.17 44.36
CA PHE A 390 -23.45 -12.59 43.97
C PHE A 390 -22.79 -13.24 45.19
N LYS A 391 -22.45 -14.52 45.04
CA LYS A 391 -21.90 -15.33 46.14
C LYS A 391 -20.46 -15.74 45.90
N ASN A 392 -19.56 -15.24 46.74
CA ASN A 392 -18.15 -15.63 46.73
C ASN A 392 -17.52 -15.62 45.34
N ILE A 393 -17.73 -14.54 44.61
CA ILE A 393 -17.24 -14.46 43.24
C ILE A 393 -15.80 -13.97 43.17
N HIS A 394 -14.92 -14.85 42.69
CA HIS A 394 -13.57 -14.47 42.30
C HIS A 394 -13.54 -14.39 40.79
N PHE A 395 -13.00 -13.30 40.25
CA PHE A 395 -12.95 -13.14 38.80
C PHE A 395 -11.72 -12.39 38.33
N SER A 396 -11.31 -12.71 37.11
CA SER A 396 -10.23 -11.99 36.45
C SER A 396 -10.49 -12.05 34.95
N TYR A 397 -10.38 -10.90 34.29
CA TYR A 397 -10.57 -10.85 32.85
C TYR A 397 -9.46 -11.63 32.14
N PRO A 398 -9.64 -11.94 30.85
CA PRO A 398 -8.58 -12.65 30.13
C PRO A 398 -7.27 -11.86 29.92
N SER A 399 -6.85 -11.10 30.93
CA SER A 399 -5.44 -10.78 31.10
C SER A 399 -4.89 -11.85 32.05
N ARG A 400 -5.81 -12.54 32.71
CA ARG A 400 -5.51 -13.74 33.51
C ARG A 400 -4.61 -13.44 34.72
N LYS A 401 -3.64 -14.31 34.98
CA LYS A 401 -2.92 -14.33 36.25
C LYS A 401 -2.22 -13.02 36.57
N GLU A 402 -1.95 -12.22 35.54
CA GLU A 402 -1.26 -10.95 35.73
C GLU A 402 -1.98 -10.07 36.75
N VAL A 403 -3.31 -10.13 36.73
CA VAL A 403 -4.12 -9.39 37.69
C VAL A 403 -5.41 -10.12 38.01
N GLN A 404 -5.74 -10.23 39.30
CA GLN A 404 -7.05 -10.71 39.74
C GLN A 404 -7.76 -9.55 40.42
N ILE A 405 -8.76 -9.01 39.76
CA ILE A 405 -9.40 -7.77 40.21
C ILE A 405 -10.38 -8.00 41.36
N LEU A 406 -11.12 -9.11 41.30
CA LEU A 406 -12.14 -9.42 42.29
C LEU A 406 -11.70 -10.57 43.19
N LYS A 407 -11.34 -10.25 44.44
CA LYS A 407 -10.91 -11.26 45.40
C LYS A 407 -12.06 -11.62 46.34
N GLY A 408 -12.84 -12.64 45.99
CA GLY A 408 -14.04 -12.98 46.74
C GLY A 408 -15.07 -11.89 46.61
N LEU A 409 -16.31 -12.17 47.00
CA LEU A 409 -17.38 -11.18 46.92
C LEU A 409 -18.66 -11.71 47.55
N ASN A 410 -19.40 -10.83 48.22
CA ASN A 410 -20.74 -11.15 48.69
C ASN A 410 -21.66 -9.95 48.49
N LEU A 411 -22.68 -10.10 47.65
CA LEU A 411 -23.64 -9.01 47.46
C LEU A 411 -25.06 -9.50 47.19
N LYS A 412 -26.03 -8.87 47.85
CA LYS A 412 -27.44 -9.14 47.61
C LYS A 412 -28.15 -7.84 47.28
N VAL A 413 -29.06 -7.90 46.31
CA VAL A 413 -29.95 -6.79 46.02
C VAL A 413 -31.37 -7.33 45.94
N LYS A 414 -32.25 -6.71 46.73
CA LYS A 414 -33.63 -7.19 46.89
C LYS A 414 -34.48 -6.78 45.69
N SER A 415 -35.58 -7.51 45.50
CA SER A 415 -36.48 -7.26 44.38
C SER A 415 -37.18 -5.91 44.50
N GLY A 416 -37.08 -5.09 43.46
CA GLY A 416 -37.68 -3.78 43.44
C GLY A 416 -36.74 -2.71 43.95
N GLN A 417 -35.72 -3.12 44.70
CA GLN A 417 -34.75 -2.17 45.24
C GLN A 417 -33.83 -1.63 44.14
N THR A 418 -32.94 -0.73 44.53
CA THR A 418 -31.92 -0.21 43.64
C THR A 418 -30.62 -0.05 44.41
N VAL A 419 -29.61 -0.82 44.04
CA VAL A 419 -28.32 -0.78 44.74
C VAL A 419 -27.30 0.03 43.97
N ALA A 420 -26.50 0.80 44.69
CA ALA A 420 -25.49 1.67 44.11
C ALA A 420 -24.10 1.23 44.52
N LEU A 421 -23.25 0.92 43.54
CA LEU A 421 -21.89 0.46 43.81
C LEU A 421 -20.90 1.63 43.70
N VAL A 422 -20.06 1.77 44.71
CA VAL A 422 -19.05 2.84 44.75
C VAL A 422 -17.65 2.25 44.91
N GLY A 423 -16.66 2.97 44.40
CA GLY A 423 -15.28 2.51 44.47
C GLY A 423 -14.28 3.55 44.01
N ASN A 424 -13.07 3.49 44.56
CA ASN A 424 -12.05 4.47 44.26
C ASN A 424 -11.42 4.24 42.88
N SER A 425 -11.04 2.99 42.62
CA SER A 425 -10.42 2.64 41.34
C SER A 425 -10.54 1.15 41.06
N GLY A 426 -10.00 0.72 39.93
CA GLY A 426 -10.04 -0.68 39.54
C GLY A 426 -11.28 -1.01 38.73
N CYS A 427 -12.32 -0.19 38.90
CA CYS A 427 -13.59 -0.40 38.21
C CYS A 427 -14.12 -1.82 38.45
N GLY A 428 -13.83 -2.37 39.62
CA GLY A 428 -14.38 -3.64 40.03
C GLY A 428 -15.90 -3.57 40.10
N LYS A 429 -16.40 -2.35 40.23
CA LYS A 429 -17.83 -2.06 40.19
C LYS A 429 -18.39 -2.59 38.86
N SER A 430 -17.78 -2.16 37.76
CA SER A 430 -18.22 -2.48 36.41
C SER A 430 -18.25 -3.99 36.18
N THR A 431 -17.33 -4.69 36.86
CA THR A 431 -17.19 -6.13 36.71
C THR A 431 -18.52 -6.84 36.97
N THR A 432 -19.20 -6.46 38.05
CA THR A 432 -20.46 -7.10 38.42
C THR A 432 -21.51 -6.94 37.34
N VAL A 433 -21.57 -5.75 36.73
CA VAL A 433 -22.45 -5.54 35.58
C VAL A 433 -21.99 -6.43 34.45
N GLN A 434 -20.67 -6.54 34.27
CA GLN A 434 -20.11 -7.39 33.23
C GLN A 434 -20.54 -8.84 33.43
N LEU A 435 -20.53 -9.29 34.68
CA LEU A 435 -20.85 -10.67 35.01
C LEU A 435 -22.35 -10.92 35.01
N MET A 436 -23.11 -9.90 35.40
CA MET A 436 -24.56 -10.05 35.54
C MET A 436 -25.24 -10.39 34.21
N GLN A 437 -24.57 -10.07 33.11
CA GLN A 437 -25.06 -10.43 31.78
C GLN A 437 -24.42 -11.74 31.31
N ARG A 438 -23.60 -12.33 32.18
CA ARG A 438 -22.88 -13.55 31.87
C ARG A 438 -22.06 -13.37 30.58
N LEU A 439 -21.42 -12.21 30.45
CA LEU A 439 -20.47 -12.00 29.38
C LEU A 439 -19.26 -12.89 29.65
N TYR A 440 -18.94 -13.03 30.94
CA TYR A 440 -17.94 -13.98 31.40
C TYR A 440 -18.57 -14.84 32.47
N ASP A 441 -18.13 -16.10 32.56
CA ASP A 441 -18.47 -16.92 33.73
C ASP A 441 -17.34 -16.74 34.74
N PRO A 442 -17.69 -16.58 36.02
CA PRO A 442 -16.68 -16.26 37.04
C PRO A 442 -15.73 -17.41 37.31
N LEU A 443 -14.53 -17.11 37.79
CA LEU A 443 -13.54 -18.14 38.11
C LEU A 443 -14.11 -19.10 39.15
N ASP A 444 -14.45 -18.55 40.31
CA ASP A 444 -15.12 -19.29 41.37
C ASP A 444 -16.26 -18.43 41.90
N GLY A 445 -17.33 -19.09 42.36
CA GLY A 445 -18.50 -18.39 42.85
C GLY A 445 -19.63 -18.45 41.85
N MET A 446 -20.78 -17.87 42.21
CA MET A 446 -21.96 -17.89 41.35
C MET A 446 -22.72 -16.57 41.42
N VAL A 447 -23.26 -16.16 40.28
CA VAL A 447 -24.20 -15.04 40.23
C VAL A 447 -25.60 -15.64 40.06
N SER A 448 -26.52 -15.20 40.92
CA SER A 448 -27.84 -15.81 41.01
C SER A 448 -28.95 -14.79 40.87
N ILE A 449 -29.64 -14.84 39.73
CA ILE A 449 -30.85 -14.07 39.51
C ILE A 449 -32.01 -14.87 40.08
N ASP A 450 -32.83 -14.24 40.92
CA ASP A 450 -33.88 -14.94 41.64
C ASP A 450 -33.24 -16.07 42.46
N GLY A 451 -33.76 -17.28 42.35
CA GLY A 451 -33.21 -18.42 43.08
C GLY A 451 -32.23 -19.25 42.27
N GLN A 452 -32.40 -19.25 40.95
CA GLN A 452 -31.63 -20.11 40.06
C GLN A 452 -30.26 -19.53 39.72
N ASP A 453 -29.31 -20.42 39.43
CA ASP A 453 -28.00 -20.01 38.94
C ASP A 453 -28.17 -19.43 37.55
N ILE A 454 -27.45 -18.36 37.26
CA ILE A 454 -27.56 -17.65 36.00
C ILE A 454 -27.25 -18.55 34.80
N ARG A 455 -26.44 -19.58 35.04
CA ARG A 455 -25.94 -20.42 33.97
C ARG A 455 -26.94 -21.48 33.55
N THR A 456 -28.04 -21.59 34.28
CA THR A 456 -29.10 -22.54 33.97
C THR A 456 -30.08 -21.95 32.97
N ILE A 457 -30.27 -20.64 33.03
CA ILE A 457 -31.23 -19.96 32.15
C ILE A 457 -30.61 -19.63 30.80
N ASN A 458 -31.43 -19.74 29.77
CA ASN A 458 -31.00 -19.48 28.40
C ASN A 458 -30.31 -18.13 28.29
N VAL A 459 -29.22 -18.09 27.56
CA VAL A 459 -28.44 -16.86 27.44
C VAL A 459 -29.28 -15.74 26.85
N ARG A 460 -29.79 -15.93 25.64
CA ARG A 460 -30.57 -14.91 24.96
C ARG A 460 -31.68 -14.38 25.87
N TYR A 461 -32.41 -15.29 26.49
CA TYR A 461 -33.50 -14.90 27.38
C TYR A 461 -32.96 -14.07 28.54
N LEU A 462 -31.82 -14.47 29.09
CA LEU A 462 -31.16 -13.70 30.15
C LEU A 462 -30.85 -12.30 29.65
N ARG A 463 -30.30 -12.21 28.44
CA ARG A 463 -29.97 -10.93 27.84
C ARG A 463 -31.25 -10.13 27.60
N GLU A 464 -32.33 -10.83 27.29
CA GLU A 464 -33.61 -10.17 27.00
C GLU A 464 -34.31 -9.66 28.25
N ILE A 465 -34.20 -10.38 29.37
CA ILE A 465 -34.81 -9.92 30.62
C ILE A 465 -34.00 -8.80 31.27
N ILE A 466 -32.74 -8.67 30.87
CA ILE A 466 -31.85 -7.65 31.44
C ILE A 466 -31.69 -6.49 30.48
N GLY A 467 -31.93 -5.28 30.99
CA GLY A 467 -31.70 -4.06 30.24
C GLY A 467 -30.37 -3.43 30.64
N VAL A 468 -29.76 -2.69 29.72
CA VAL A 468 -28.44 -2.11 29.95
C VAL A 468 -28.31 -0.71 29.36
N VAL A 469 -27.66 0.16 30.12
CA VAL A 469 -27.31 1.49 29.65
C VAL A 469 -25.83 1.73 29.98
N SER A 470 -25.07 2.13 28.97
CA SER A 470 -23.62 2.27 29.09
C SER A 470 -23.17 3.73 29.09
N GLN A 471 -21.95 3.96 29.58
CA GLN A 471 -21.35 5.29 29.63
C GLN A 471 -21.33 5.92 28.24
N GLU A 472 -20.67 5.25 27.31
CA GLU A 472 -20.63 5.68 25.92
C GLU A 472 -21.75 5.00 25.15
N PRO A 473 -22.82 5.74 24.82
CA PRO A 473 -23.90 5.09 24.08
C PRO A 473 -23.57 4.99 22.59
N VAL A 474 -24.04 3.94 21.94
CA VAL A 474 -23.79 3.74 20.52
C VAL A 474 -25.10 3.64 19.75
N LEU A 475 -25.13 4.26 18.58
CA LEU A 475 -26.29 4.21 17.69
C LEU A 475 -25.85 3.64 16.35
N PHE A 476 -26.60 2.68 15.85
CA PHE A 476 -26.34 2.09 14.55
C PHE A 476 -26.97 2.97 13.47
N ALA A 477 -26.45 2.89 12.25
CA ALA A 477 -26.80 3.87 11.22
C ALA A 477 -28.09 3.55 10.44
N THR A 478 -29.22 3.89 11.05
CA THR A 478 -30.54 3.76 10.42
C THR A 478 -31.40 4.82 11.07
N THR A 479 -32.73 4.75 10.89
CA THR A 479 -33.60 5.74 11.50
C THR A 479 -33.68 5.52 13.01
N ILE A 480 -34.18 6.55 13.71
CA ILE A 480 -34.32 6.49 15.16
C ILE A 480 -35.28 5.36 15.53
N ALA A 481 -36.35 5.22 14.75
CA ALA A 481 -37.29 4.14 14.95
C ALA A 481 -36.56 2.81 14.89
N GLU A 482 -35.69 2.65 13.89
CA GLU A 482 -34.94 1.41 13.71
C GLU A 482 -33.99 1.15 14.88
N ASN A 483 -33.38 2.20 15.41
CA ASN A 483 -32.49 2.08 16.56
C ASN A 483 -33.27 1.76 17.83
N ILE A 484 -34.49 2.29 17.91
CA ILE A 484 -35.41 1.92 18.99
C ILE A 484 -35.97 0.52 18.70
N ARG A 485 -35.96 0.14 17.42
CA ARG A 485 -36.45 -1.17 16.98
C ARG A 485 -35.41 -2.27 17.22
N TYR A 486 -34.18 -1.86 17.52
CA TYR A 486 -33.14 -2.83 17.88
C TYR A 486 -33.31 -3.31 19.33
N GLY A 487 -34.33 -2.79 20.00
CA GLY A 487 -34.70 -3.30 21.31
C GLY A 487 -35.58 -4.53 21.15
N ARG A 488 -36.53 -4.44 20.23
CA ARG A 488 -37.40 -5.56 19.86
C ARG A 488 -37.78 -5.44 18.39
N GLU A 489 -37.62 -6.54 17.64
CA GLU A 489 -37.90 -6.51 16.21
C GLU A 489 -39.37 -6.20 15.92
N ASP A 490 -40.26 -6.74 16.74
CA ASP A 490 -41.69 -6.47 16.60
C ASP A 490 -42.09 -5.29 17.48
N VAL A 491 -42.47 -4.19 16.86
CA VAL A 491 -42.85 -2.99 17.57
C VAL A 491 -43.54 -2.01 16.61
N THR A 492 -44.38 -1.13 17.15
CA THR A 492 -45.07 -0.13 16.34
C THR A 492 -44.70 1.27 16.83
N MET A 493 -44.82 2.25 15.94
CA MET A 493 -44.42 3.63 16.23
C MET A 493 -45.06 4.16 17.52
N ASP A 494 -46.16 3.54 17.92
CA ASP A 494 -46.82 3.88 19.17
C ASP A 494 -45.92 3.55 20.35
N GLU A 495 -45.39 2.33 20.36
CA GLU A 495 -44.49 1.89 21.42
C GLU A 495 -43.20 2.70 21.41
N ILE A 496 -42.71 3.01 20.21
CA ILE A 496 -41.54 3.88 20.08
C ILE A 496 -41.85 5.22 20.74
N GLU A 497 -42.99 5.79 20.36
CA GLU A 497 -43.41 7.10 20.88
C GLU A 497 -43.49 7.08 22.40
N LYS A 498 -44.19 6.09 22.96
CA LYS A 498 -44.30 5.98 24.41
C LYS A 498 -42.93 5.74 25.04
N ALA A 499 -42.09 4.97 24.35
CA ALA A 499 -40.76 4.68 24.86
C ALA A 499 -39.92 5.94 24.98
N VAL A 500 -39.82 6.70 23.90
CA VAL A 500 -39.04 7.94 23.92
C VAL A 500 -39.68 8.99 24.81
N LYS A 501 -41.01 9.01 24.85
CA LYS A 501 -41.74 9.95 25.68
C LYS A 501 -41.57 9.62 27.16
N GLU A 502 -41.46 8.34 27.48
CA GLU A 502 -41.21 7.89 28.84
C GLU A 502 -39.74 8.08 29.20
N ALA A 503 -38.92 8.31 28.18
CA ALA A 503 -37.52 8.70 28.36
C ALA A 503 -37.38 10.21 28.19
N ASN A 504 -38.51 10.90 28.01
CA ASN A 504 -38.53 12.33 27.76
C ASN A 504 -37.57 12.75 26.65
N ALA A 505 -37.42 11.88 25.65
CA ALA A 505 -36.59 12.17 24.49
C ALA A 505 -37.46 12.65 23.33
N TYR A 506 -38.79 12.59 23.52
CA TYR A 506 -39.76 12.90 22.47
C TYR A 506 -39.59 14.31 21.90
N ASP A 507 -39.48 15.29 22.79
CA ASP A 507 -39.39 16.69 22.41
C ASP A 507 -38.19 16.92 21.49
N PHE A 508 -37.00 16.69 22.05
CA PHE A 508 -35.74 16.93 21.36
C PHE A 508 -35.69 16.29 19.98
N ILE A 509 -36.26 15.09 19.85
CA ILE A 509 -36.24 14.41 18.56
C ILE A 509 -37.34 14.92 17.63
N MET A 510 -38.49 15.28 18.19
CA MET A 510 -39.58 15.77 17.37
C MET A 510 -39.23 17.12 16.76
N LYS A 511 -38.49 17.95 17.50
CA LYS A 511 -38.00 19.21 16.95
C LYS A 511 -37.09 18.93 15.74
N LEU A 512 -36.38 17.81 15.79
CA LEU A 512 -35.47 17.42 14.72
C LEU A 512 -36.27 17.11 13.45
N PRO A 513 -35.73 17.44 12.27
CA PRO A 513 -36.46 17.16 11.03
C PRO A 513 -36.58 15.66 10.75
N HIS A 514 -37.45 15.30 9.81
CA HIS A 514 -37.68 13.92 9.40
C HIS A 514 -38.40 13.08 10.47
N GLN A 515 -38.66 13.67 11.64
CA GLN A 515 -39.31 12.96 12.74
C GLN A 515 -38.51 11.70 13.11
N PHE A 516 -39.20 10.58 13.31
CA PHE A 516 -38.55 9.33 13.67
C PHE A 516 -37.61 8.83 12.57
N ASP A 517 -37.75 9.37 11.36
CA ASP A 517 -37.01 8.88 10.21
C ASP A 517 -35.67 9.59 10.01
N THR A 518 -35.20 10.28 11.03
CA THR A 518 -33.93 11.00 10.96
C THR A 518 -32.79 9.98 10.92
N LEU A 519 -31.57 10.43 10.64
CA LEU A 519 -30.41 9.53 10.59
C LEU A 519 -29.53 9.69 11.84
N VAL A 520 -28.74 8.66 12.12
CA VAL A 520 -27.76 8.70 13.22
C VAL A 520 -26.56 7.82 12.85
N GLY A 521 -25.48 7.94 13.61
CA GLY A 521 -24.30 7.11 13.38
C GLY A 521 -22.99 7.89 13.41
N GLU A 522 -21.92 7.25 12.96
CA GLU A 522 -20.61 7.89 12.88
C GLU A 522 -20.62 8.92 11.75
N ARG A 523 -21.32 8.58 10.67
CA ARG A 523 -21.47 9.48 9.53
C ARG A 523 -22.84 10.13 9.52
N GLY A 524 -22.87 11.44 9.78
CA GLY A 524 -24.10 12.21 9.68
C GLY A 524 -24.88 12.29 10.96
N ALA A 525 -25.54 13.44 11.16
CA ALA A 525 -26.42 13.66 12.30
C ALA A 525 -25.72 13.41 13.63
N GLN A 526 -24.58 14.06 13.83
CA GLN A 526 -23.86 13.96 15.10
C GLN A 526 -24.58 14.80 16.14
N LEU A 527 -24.99 14.16 17.23
CA LEU A 527 -25.87 14.79 18.21
C LEU A 527 -25.22 14.94 19.58
N SER A 528 -25.95 15.60 20.49
CA SER A 528 -25.52 15.74 21.87
C SER A 528 -25.47 14.37 22.54
N GLY A 529 -24.49 14.17 23.42
CA GLY A 529 -24.31 12.91 24.09
C GLY A 529 -25.54 12.47 24.87
N GLY A 530 -26.12 13.40 25.62
CA GLY A 530 -27.29 13.13 26.44
C GLY A 530 -28.46 12.65 25.62
N GLN A 531 -28.62 13.22 24.43
CA GLN A 531 -29.69 12.83 23.53
C GLN A 531 -29.50 11.37 23.10
N LYS A 532 -28.28 11.04 22.69
CA LYS A 532 -27.93 9.69 22.29
C LYS A 532 -28.17 8.72 23.46
N GLN A 533 -27.74 9.14 24.63
CA GLN A 533 -27.94 8.35 25.85
C GLN A 533 -29.43 8.12 26.09
N ARG A 534 -30.22 9.17 25.85
CA ARG A 534 -31.67 9.07 26.03
C ARG A 534 -32.26 8.11 25.01
N ILE A 535 -31.78 8.19 23.78
CA ILE A 535 -32.20 7.24 22.75
C ILE A 535 -31.82 5.83 23.18
N ALA A 536 -30.65 5.70 23.80
CA ALA A 536 -30.19 4.41 24.30
C ALA A 536 -31.08 3.91 25.44
N ILE A 537 -31.49 4.82 26.32
CA ILE A 537 -32.39 4.45 27.41
C ILE A 537 -33.78 4.10 26.87
N ALA A 538 -34.21 4.80 25.83
CA ALA A 538 -35.49 4.48 25.20
C ALA A 538 -35.42 3.09 24.58
N ARG A 539 -34.34 2.86 23.83
CA ARG A 539 -34.06 1.56 23.25
C ARG A 539 -34.10 0.48 24.33
N ALA A 540 -33.37 0.72 25.42
CA ALA A 540 -33.34 -0.19 26.55
C ALA A 540 -34.73 -0.30 27.17
N LEU A 541 -35.49 0.77 27.14
CA LEU A 541 -36.81 0.79 27.75
C LEU A 541 -37.79 -0.08 26.98
N VAL A 542 -37.72 -0.04 25.64
CA VAL A 542 -38.59 -0.89 24.82
C VAL A 542 -38.38 -2.37 25.16
N ARG A 543 -37.18 -2.70 25.62
CA ARG A 543 -36.85 -4.08 26.01
C ARG A 543 -37.71 -4.57 27.17
N ASN A 544 -38.37 -3.63 27.86
CA ASN A 544 -39.19 -3.90 29.04
C ASN A 544 -38.58 -4.94 29.99
N PRO A 545 -37.32 -4.72 30.38
CA PRO A 545 -36.59 -5.70 31.18
C PRO A 545 -37.06 -5.73 32.63
N LYS A 546 -36.74 -6.82 33.33
CA LYS A 546 -37.03 -6.95 34.75
C LYS A 546 -35.82 -6.49 35.58
N ILE A 547 -34.65 -6.54 34.94
CA ILE A 547 -33.40 -6.15 35.57
C ILE A 547 -32.77 -5.01 34.77
N LEU A 548 -32.34 -3.95 35.48
CA LEU A 548 -31.71 -2.81 34.84
C LEU A 548 -30.29 -2.62 35.37
N LEU A 549 -29.34 -2.43 34.45
CA LEU A 549 -27.95 -2.19 34.81
C LEU A 549 -27.50 -0.86 34.21
N LEU A 550 -27.09 0.07 35.09
CA LEU A 550 -26.71 1.41 34.69
C LEU A 550 -25.28 1.72 35.15
N ASP A 551 -24.35 1.73 34.19
CA ASP A 551 -22.94 1.94 34.50
C ASP A 551 -22.42 3.26 33.96
N GLU A 552 -22.31 4.25 34.84
CA GLU A 552 -21.67 5.53 34.52
C GLU A 552 -22.36 6.27 33.38
N ALA A 553 -23.59 5.91 33.07
CA ALA A 553 -24.34 6.54 31.99
C ALA A 553 -24.52 8.04 32.24
N THR A 554 -24.58 8.42 33.51
CA THR A 554 -24.68 9.82 33.90
C THR A 554 -23.31 10.50 33.79
N SER A 555 -22.24 9.73 34.01
CA SER A 555 -20.89 10.26 33.97
C SER A 555 -20.47 10.53 32.53
N ALA A 556 -19.40 11.32 32.39
CA ALA A 556 -18.90 11.72 31.07
C ALA A 556 -19.98 12.41 30.26
N LEU A 557 -20.62 13.41 30.86
CA LEU A 557 -21.70 14.14 30.21
C LEU A 557 -21.86 15.51 30.85
N ASP A 558 -22.39 16.48 30.09
CA ASP A 558 -22.55 17.84 30.57
C ASP A 558 -23.53 17.90 31.75
N THR A 559 -23.31 18.86 32.64
CA THR A 559 -24.05 18.93 33.88
C THR A 559 -25.52 19.28 33.66
N GLU A 560 -25.81 20.07 32.63
CA GLU A 560 -27.17 20.52 32.37
C GLU A 560 -28.04 19.37 31.87
N SER A 561 -27.59 18.70 30.82
CA SER A 561 -28.34 17.58 30.23
C SER A 561 -28.28 16.35 31.12
N GLU A 562 -27.31 16.32 32.03
CA GLU A 562 -27.17 15.22 32.97
C GLU A 562 -28.47 15.03 33.77
N ALA A 563 -29.04 16.13 34.24
CA ALA A 563 -30.29 16.08 34.97
C ALA A 563 -31.43 15.63 34.07
N VAL A 564 -31.41 16.08 32.82
CA VAL A 564 -32.42 15.69 31.84
C VAL A 564 -32.42 14.18 31.66
N VAL A 565 -31.24 13.62 31.45
CA VAL A 565 -31.09 12.17 31.33
C VAL A 565 -31.33 11.47 32.67
N GLN A 566 -30.98 12.16 33.75
CA GLN A 566 -31.17 11.61 35.09
C GLN A 566 -32.65 11.37 35.36
N ALA A 567 -33.47 12.33 34.97
CA ALA A 567 -34.92 12.18 35.07
C ALA A 567 -35.37 10.91 34.37
N ALA A 568 -34.86 10.70 33.16
CA ALA A 568 -35.19 9.51 32.39
C ALA A 568 -34.75 8.25 33.13
N LEU A 569 -33.48 8.21 33.53
CA LEU A 569 -32.94 7.06 34.27
C LEU A 569 -33.80 6.72 35.47
N ASP A 570 -34.19 7.74 36.24
CA ASP A 570 -35.06 7.51 37.37
C ASP A 570 -36.43 7.01 36.91
N LYS A 571 -36.93 7.56 35.81
CA LYS A 571 -38.20 7.09 35.26
C LYS A 571 -38.05 5.72 34.60
N ALA A 572 -36.82 5.32 34.31
CA ALA A 572 -36.56 4.01 33.71
C ALA A 572 -36.58 2.90 34.76
N ARG A 573 -36.46 3.29 36.03
CA ARG A 573 -36.63 2.36 37.14
C ARG A 573 -38.10 2.35 37.53
N GLU A 574 -38.38 2.02 38.79
CA GLU A 574 -39.74 2.02 39.36
C GLU A 574 -40.57 0.79 38.99
N GLY A 575 -40.15 0.06 37.96
CA GLY A 575 -40.81 -1.18 37.57
C GLY A 575 -39.82 -2.33 37.56
N ARG A 576 -38.63 -2.07 38.08
CA ARG A 576 -37.52 -3.01 37.95
C ARG A 576 -36.57 -2.96 39.14
N THR A 577 -35.84 -4.07 39.34
CA THR A 577 -34.72 -4.09 40.27
C THR A 577 -33.48 -3.58 39.51
N THR A 578 -32.63 -2.83 40.20
CA THR A 578 -31.54 -2.11 39.53
C THR A 578 -30.22 -2.04 40.30
N ILE A 579 -29.13 -2.28 39.57
CA ILE A 579 -27.78 -2.10 40.08
C ILE A 579 -27.16 -0.95 39.30
N VAL A 580 -26.75 0.11 40.00
CA VAL A 580 -26.20 1.29 39.34
C VAL A 580 -24.80 1.63 39.83
N ILE A 581 -23.99 2.12 38.91
CA ILE A 581 -22.61 2.46 39.17
C ILE A 581 -22.26 3.79 38.50
N ALA A 582 -21.65 4.68 39.26
CA ALA A 582 -21.21 5.96 38.71
C ALA A 582 -20.29 6.67 39.70
N HIS A 583 -19.72 7.78 39.25
CA HIS A 583 -18.89 8.64 40.10
C HIS A 583 -19.71 9.80 40.66
N ARG A 584 -20.96 9.89 40.23
CA ARG A 584 -21.86 10.94 40.67
C ARG A 584 -22.59 10.55 41.95
N LEU A 585 -22.21 11.18 43.06
CA LEU A 585 -22.84 10.91 44.34
C LEU A 585 -24.07 11.81 44.53
N SER A 586 -24.52 12.44 43.45
CA SER A 586 -25.77 13.18 43.44
C SER A 586 -26.92 12.21 43.18
N THR A 587 -26.61 11.13 42.49
CA THR A 587 -27.60 10.13 42.09
C THR A 587 -27.69 8.96 43.07
N VAL A 588 -26.76 8.90 44.02
CA VAL A 588 -26.65 7.75 44.90
C VAL A 588 -27.58 7.84 46.12
N ARG A 589 -27.80 9.05 46.62
CA ARG A 589 -28.48 9.25 47.89
C ARG A 589 -29.82 8.53 47.98
N ASN A 590 -30.59 8.57 46.90
CA ASN A 590 -31.93 7.97 46.90
C ASN A 590 -31.90 6.45 46.77
N ALA A 591 -30.71 5.87 46.61
CA ALA A 591 -30.58 4.43 46.52
C ALA A 591 -30.94 3.78 47.85
N ASP A 592 -31.52 2.58 47.77
CA ASP A 592 -31.92 1.85 48.96
C ASP A 592 -30.70 1.29 49.68
N VAL A 593 -29.68 0.95 48.91
CA VAL A 593 -28.45 0.39 49.47
C VAL A 593 -27.24 0.85 48.66
N ILE A 594 -26.19 1.27 49.37
CA ILE A 594 -24.94 1.68 48.74
C ILE A 594 -23.85 0.70 49.15
N ALA A 595 -22.95 0.37 48.22
CA ALA A 595 -21.95 -0.67 48.47
C ALA A 595 -20.54 -0.26 48.03
N GLY A 596 -19.60 -0.33 48.98
CA GLY A 596 -18.22 0.05 48.74
C GLY A 596 -17.26 -1.12 48.64
N PHE A 597 -16.35 -1.04 47.66
CA PHE A 597 -15.34 -2.07 47.44
C PHE A 597 -13.95 -1.55 47.74
N ASP A 598 -13.08 -2.46 48.17
CA ASP A 598 -11.66 -2.15 48.37
C ASP A 598 -10.83 -3.35 47.97
N GLY A 599 -9.99 -3.17 46.95
CA GLY A 599 -9.15 -4.25 46.45
C GLY A 599 -9.98 -5.45 46.02
N GLY A 600 -11.15 -5.18 45.45
CA GLY A 600 -12.04 -6.24 45.02
C GLY A 600 -12.84 -6.85 46.17
N VAL A 601 -12.64 -6.31 47.37
CA VAL A 601 -13.32 -6.82 48.56
C VAL A 601 -14.45 -5.88 48.96
N ILE A 602 -15.68 -6.37 48.89
CA ILE A 602 -16.84 -5.65 49.41
C ILE A 602 -16.65 -5.37 50.89
N VAL A 603 -16.95 -4.16 51.33
CA VAL A 603 -16.84 -3.82 52.75
C VAL A 603 -18.10 -3.15 53.27
N GLU A 604 -18.29 -1.88 52.92
CA GLU A 604 -19.37 -1.09 53.48
C GLU A 604 -20.67 -1.25 52.70
N GLN A 605 -21.74 -1.62 53.41
CA GLN A 605 -23.08 -1.66 52.83
C GLN A 605 -24.09 -1.03 53.80
N GLY A 606 -25.08 -0.33 53.25
CA GLY A 606 -26.14 0.25 54.05
C GLY A 606 -26.69 1.54 53.46
N ASN A 607 -27.56 2.19 54.20
CA ASN A 607 -28.14 3.47 53.79
C ASN A 607 -27.11 4.58 53.96
N HIS A 608 -27.36 5.72 53.30
CA HIS A 608 -26.41 6.82 53.29
C HIS A 608 -25.97 7.28 54.68
N ASP A 609 -26.94 7.66 55.52
CA ASP A 609 -26.66 8.13 56.86
C ASP A 609 -25.77 7.16 57.63
N GLU A 610 -26.04 5.87 57.45
CA GLU A 610 -25.28 4.82 58.11
C GLU A 610 -23.84 4.84 57.61
N LEU A 611 -23.68 4.95 56.29
CA LEU A 611 -22.35 5.00 55.69
C LEU A 611 -21.60 6.25 56.10
N MET A 612 -22.33 7.34 56.32
CA MET A 612 -21.72 8.57 56.80
C MET A 612 -21.37 8.46 58.29
N ARG A 613 -22.20 7.72 59.03
CA ARG A 613 -21.90 7.43 60.43
C ARG A 613 -20.72 6.47 60.54
N GLU A 614 -20.58 5.60 59.54
CA GLU A 614 -19.46 4.67 59.49
C GLU A 614 -18.16 5.43 59.27
N LYS A 615 -18.26 6.57 58.57
CA LYS A 615 -17.10 7.41 58.28
C LYS A 615 -16.01 6.61 57.56
N GLY A 616 -16.44 5.69 56.69
CA GLY A 616 -15.52 4.83 55.97
C GLY A 616 -15.14 5.37 54.61
N ILE A 617 -14.92 4.47 53.66
CA ILE A 617 -14.49 4.82 52.31
C ILE A 617 -15.48 5.77 51.63
N TYR A 618 -16.77 5.48 51.77
CA TYR A 618 -17.82 6.29 51.16
C TYR A 618 -17.72 7.74 51.65
N PHE A 619 -17.74 7.93 52.97
CA PHE A 619 -17.58 9.24 53.57
C PHE A 619 -16.31 9.92 53.05
N LYS A 620 -15.25 9.14 52.93
CA LYS A 620 -13.96 9.63 52.45
C LYS A 620 -14.11 10.21 51.04
N LEU A 621 -14.71 9.43 50.14
CA LEU A 621 -14.94 9.89 48.77
C LEU A 621 -15.87 11.10 48.73
N VAL A 622 -16.91 11.08 49.56
CA VAL A 622 -17.84 12.20 49.66
C VAL A 622 -17.09 13.48 50.02
N MET A 623 -16.24 13.39 51.05
CA MET A 623 -15.45 14.54 51.47
C MET A 623 -14.41 14.91 50.41
N THR A 624 -13.87 13.90 49.73
CA THR A 624 -12.88 14.14 48.69
C THR A 624 -13.48 14.87 47.50
N GLN A 625 -14.71 14.52 47.15
CA GLN A 625 -15.40 15.13 46.01
C GLN A 625 -16.31 16.29 46.43
N THR A 626 -16.30 16.62 47.73
CA THR A 626 -17.12 17.71 48.26
C THR A 626 -18.60 17.44 48.02
N PRO A 689 -4.83 12.71 -16.46
CA PRO A 689 -3.41 13.02 -16.30
C PRO A 689 -2.61 13.10 -17.61
N PRO A 690 -2.87 12.19 -18.58
CA PRO A 690 -1.95 12.15 -19.73
C PRO A 690 -1.98 13.40 -20.61
N ALA A 691 -0.80 13.93 -20.90
CA ALA A 691 -0.64 15.03 -21.84
C ALA A 691 0.67 14.83 -22.59
N SER A 692 1.00 15.76 -23.48
CA SER A 692 2.22 15.65 -24.27
C SER A 692 3.38 16.39 -23.62
N PHE A 693 4.29 15.63 -23.02
CA PHE A 693 5.52 16.18 -22.46
C PHE A 693 6.71 15.70 -23.30
N TRP A 694 7.14 16.56 -24.22
CA TRP A 694 8.27 16.26 -25.09
C TRP A 694 9.56 16.76 -24.45
N ARG A 695 9.45 17.83 -23.66
CA ARG A 695 10.61 18.48 -23.09
C ARG A 695 11.41 17.52 -22.21
N ILE A 696 10.75 16.51 -21.66
CA ILE A 696 11.45 15.50 -20.89
C ILE A 696 12.33 14.69 -21.83
N LEU A 697 11.87 14.49 -23.06
CA LEU A 697 12.67 13.84 -24.08
C LEU A 697 13.71 14.81 -24.64
N LYS A 698 13.36 16.09 -24.67
CA LYS A 698 14.29 17.14 -25.10
C LYS A 698 15.47 17.21 -24.15
N LEU A 699 15.26 16.78 -22.91
CA LEU A 699 16.33 16.76 -21.91
C LEU A 699 17.26 15.57 -22.17
N ASN A 700 16.69 14.47 -22.65
CA ASN A 700 17.48 13.33 -23.08
C ASN A 700 18.17 13.63 -24.41
N SER A 701 17.73 14.69 -25.08
CA SER A 701 18.33 15.07 -26.36
C SER A 701 19.78 15.50 -26.18
N THR A 702 20.20 15.64 -24.92
CA THR A 702 21.61 15.87 -24.58
C THR A 702 22.46 14.81 -25.27
N GLU A 703 21.89 13.62 -25.42
CA GLU A 703 22.54 12.53 -26.16
C GLU A 703 21.84 12.30 -27.49
N TRP A 704 22.29 13.03 -28.52
CA TRP A 704 21.87 12.73 -29.88
C TRP A 704 22.31 11.31 -30.26
N PRO A 705 23.53 10.90 -29.87
CA PRO A 705 23.89 9.50 -30.08
C PRO A 705 23.33 8.59 -28.98
N TYR A 706 23.77 7.33 -28.96
CA TYR A 706 23.30 6.32 -28.01
C TYR A 706 21.85 5.86 -28.25
N PHE A 707 21.10 6.63 -29.04
CA PHE A 707 19.72 6.31 -29.35
C PHE A 707 19.62 5.75 -30.75
N VAL A 708 20.19 6.48 -31.71
CA VAL A 708 20.23 6.04 -33.10
C VAL A 708 20.88 4.67 -33.18
N VAL A 709 21.91 4.47 -32.36
CA VAL A 709 22.62 3.20 -32.30
C VAL A 709 21.66 2.07 -31.90
N GLY A 710 20.99 2.28 -30.76
CA GLY A 710 20.07 1.29 -30.23
C GLY A 710 18.87 1.02 -31.13
N ILE A 711 18.35 2.07 -31.77
CA ILE A 711 17.20 1.92 -32.66
C ILE A 711 17.60 1.24 -33.97
N PHE A 712 18.67 1.70 -34.59
CA PHE A 712 19.20 1.08 -35.81
C PHE A 712 19.49 -0.39 -35.53
N CYS A 713 20.20 -0.63 -34.43
CA CYS A 713 20.50 -1.98 -33.98
C CYS A 713 19.22 -2.79 -33.74
N ALA A 714 18.27 -2.20 -33.03
CA ALA A 714 17.03 -2.89 -32.68
C ALA A 714 16.14 -3.08 -33.90
N ILE A 715 16.32 -2.24 -34.91
CA ILE A 715 15.57 -2.38 -36.15
C ILE A 715 16.19 -3.50 -36.97
N ILE A 716 17.53 -3.57 -36.95
CA ILE A 716 18.22 -4.71 -37.55
C ILE A 716 17.83 -6.01 -36.85
N ASN A 717 17.69 -5.94 -35.52
CA ASN A 717 17.18 -7.08 -34.76
C ASN A 717 15.75 -7.37 -35.19
N GLY A 718 14.97 -6.31 -35.34
CA GLY A 718 13.61 -6.43 -35.83
C GLY A 718 13.59 -7.08 -37.20
N GLY A 719 14.59 -6.78 -38.02
CA GLY A 719 14.73 -7.41 -39.33
C GLY A 719 15.37 -8.78 -39.22
N LEU A 720 16.10 -9.01 -38.14
CA LEU A 720 16.75 -10.29 -37.90
C LEU A 720 15.74 -11.30 -37.37
N GLN A 721 14.71 -10.82 -36.68
CA GLN A 721 13.75 -11.71 -36.04
C GLN A 721 13.01 -12.64 -37.01
N PRO A 722 12.38 -12.10 -38.07
CA PRO A 722 11.64 -13.00 -38.96
C PRO A 722 12.55 -13.87 -39.82
N ALA A 723 13.81 -13.47 -39.98
CA ALA A 723 14.77 -14.26 -40.73
C ALA A 723 14.83 -15.67 -40.15
N PHE A 724 14.60 -15.76 -38.84
CA PHE A 724 14.45 -17.04 -38.18
C PHE A 724 13.31 -17.82 -38.82
N SER A 725 12.21 -17.12 -39.09
CA SER A 725 11.02 -17.75 -39.63
C SER A 725 11.21 -18.13 -41.09
N VAL A 726 11.96 -17.30 -41.82
CA VAL A 726 12.23 -17.54 -43.23
C VAL A 726 13.05 -18.82 -43.39
N ILE A 727 13.98 -19.04 -42.48
CA ILE A 727 14.82 -20.24 -42.52
C ILE A 727 13.97 -21.48 -42.27
N PHE A 728 13.33 -21.53 -41.11
CA PHE A 728 12.49 -22.67 -40.75
C PHE A 728 11.49 -23.00 -41.86
N SER A 729 11.06 -21.97 -42.58
CA SER A 729 10.21 -22.17 -43.73
C SER A 729 10.93 -22.97 -44.81
N LYS A 730 12.15 -22.56 -45.12
CA LYS A 730 12.91 -23.20 -46.20
C LYS A 730 13.60 -24.49 -45.74
N VAL A 731 13.82 -24.63 -44.44
CA VAL A 731 14.36 -25.88 -43.91
C VAL A 731 13.36 -26.99 -44.18
N VAL A 732 12.15 -26.83 -43.67
CA VAL A 732 11.07 -27.76 -43.95
C VAL A 732 10.63 -27.59 -45.40
N GLY A 733 10.82 -26.38 -45.94
CA GLY A 733 10.42 -26.06 -47.29
C GLY A 733 11.21 -26.83 -48.34
N VAL A 734 12.52 -26.67 -48.34
CA VAL A 734 13.37 -27.35 -49.31
C VAL A 734 13.26 -28.86 -49.12
N PHE A 735 13.16 -29.29 -47.86
CA PHE A 735 13.05 -30.70 -47.55
C PHE A 735 11.72 -31.25 -48.05
N THR A 736 10.70 -30.40 -48.06
CA THR A 736 9.39 -30.75 -48.60
C THR A 736 9.40 -30.55 -50.11
N ASN A 737 10.16 -29.56 -50.56
CA ASN A 737 10.27 -29.23 -51.97
C ASN A 737 11.50 -29.87 -52.60
N GLY A 738 12.07 -30.85 -51.90
CA GLY A 738 13.34 -31.44 -52.27
C GLY A 738 13.42 -32.04 -53.66
N GLY A 739 12.51 -32.98 -53.95
CA GLY A 739 12.59 -33.73 -55.19
C GLY A 739 13.67 -34.79 -55.10
N PRO A 740 14.73 -34.67 -55.91
CA PRO A 740 15.83 -35.65 -55.78
C PRO A 740 16.53 -35.49 -54.42
N PRO A 741 16.64 -36.57 -53.64
CA PRO A 741 17.11 -36.48 -52.25
C PRO A 741 18.60 -36.16 -52.08
N GLU A 742 19.41 -36.53 -53.07
CA GLU A 742 20.86 -36.38 -52.97
C GLU A 742 21.31 -34.98 -52.55
N THR A 743 20.59 -33.97 -53.03
CA THR A 743 20.97 -32.58 -52.76
C THR A 743 20.45 -32.08 -51.41
N GLN A 744 19.58 -32.85 -50.77
CA GLN A 744 18.92 -32.39 -49.56
C GLN A 744 19.84 -32.34 -48.34
N ARG A 745 20.42 -33.48 -47.99
CA ARG A 745 21.24 -33.59 -46.78
C ARG A 745 22.36 -32.55 -46.72
N GLN A 746 22.78 -32.07 -47.87
CA GLN A 746 23.82 -31.03 -47.94
C GLN A 746 23.25 -29.65 -47.63
N ASN A 747 21.98 -29.43 -47.96
CA ASN A 747 21.35 -28.13 -47.78
C ASN A 747 20.83 -27.89 -46.36
N SER A 748 20.34 -28.95 -45.72
CA SER A 748 19.84 -28.84 -44.35
C SER A 748 20.98 -28.40 -43.44
N ASN A 749 22.19 -28.85 -43.76
CA ASN A 749 23.37 -28.47 -43.00
C ASN A 749 23.74 -27.01 -43.23
N LEU A 750 23.57 -26.55 -44.46
CA LEU A 750 23.80 -25.15 -44.79
C LEU A 750 22.80 -24.26 -44.07
N PHE A 751 21.57 -24.73 -43.95
CA PHE A 751 20.53 -23.99 -43.24
C PHE A 751 20.74 -24.04 -41.73
N SER A 752 20.86 -25.24 -41.18
CA SER A 752 21.02 -25.42 -39.74
C SER A 752 22.21 -24.61 -39.23
N LEU A 753 23.23 -24.49 -40.06
CA LEU A 753 24.35 -23.59 -39.78
C LEU A 753 23.80 -22.17 -39.67
N LEU A 754 23.30 -21.67 -40.79
CA LEU A 754 22.75 -20.32 -40.86
C LEU A 754 21.72 -20.08 -39.75
N PHE A 755 20.88 -21.08 -39.54
CA PHE A 755 19.88 -21.06 -38.47
C PHE A 755 20.52 -20.65 -37.14
N LEU A 756 21.76 -21.08 -36.93
CA LEU A 756 22.50 -20.70 -35.75
C LEU A 756 23.18 -19.35 -35.94
N ILE A 757 23.50 -19.00 -37.18
CA ILE A 757 24.26 -17.78 -37.46
C ILE A 757 23.44 -16.54 -37.10
N LEU A 758 22.15 -16.58 -37.41
CA LEU A 758 21.28 -15.49 -36.96
C LEU A 758 21.23 -15.51 -35.44
N GLY A 759 21.57 -16.66 -34.86
CA GLY A 759 21.59 -16.77 -33.41
C GLY A 759 22.69 -15.91 -32.83
N ILE A 760 23.94 -16.26 -33.14
CA ILE A 760 25.09 -15.55 -32.58
C ILE A 760 25.02 -14.05 -32.85
N ILE A 761 24.63 -13.67 -34.07
CA ILE A 761 24.49 -12.27 -34.43
C ILE A 761 23.39 -11.61 -33.60
N SER A 762 22.47 -12.42 -33.07
CA SER A 762 21.41 -11.92 -32.21
C SER A 762 21.98 -11.56 -30.85
N PHE A 763 23.16 -12.09 -30.52
CA PHE A 763 23.78 -11.81 -29.24
C PHE A 763 24.42 -10.43 -29.28
N ILE A 764 25.02 -10.10 -30.41
CA ILE A 764 25.65 -8.79 -30.58
C ILE A 764 24.58 -7.70 -30.55
N THR A 765 23.50 -7.90 -31.30
CA THR A 765 22.47 -6.88 -31.44
C THR A 765 21.67 -6.67 -30.15
N PHE A 766 21.28 -7.76 -29.50
CA PHE A 766 20.45 -7.64 -28.30
C PHE A 766 21.21 -6.96 -27.16
N PHE A 767 22.47 -7.34 -26.98
CA PHE A 767 23.32 -6.74 -25.96
C PHE A 767 23.49 -5.25 -26.24
N LEU A 768 23.64 -4.90 -27.51
CA LEU A 768 23.82 -3.51 -27.92
C LEU A 768 22.61 -2.67 -27.50
N GLN A 769 21.48 -2.88 -28.16
CA GLN A 769 20.27 -2.09 -27.91
C GLN A 769 19.91 -2.06 -26.44
N GLY A 770 20.32 -3.09 -25.72
CA GLY A 770 20.10 -3.17 -24.28
C GLY A 770 21.10 -2.34 -23.51
N PHE A 771 22.34 -2.28 -24.01
CA PHE A 771 23.39 -1.55 -23.32
C PHE A 771 23.33 -0.06 -23.63
N THR A 772 23.01 0.27 -24.88
CA THR A 772 22.92 1.66 -25.31
C THR A 772 21.78 2.36 -24.58
N PHE A 773 20.62 1.73 -24.54
CA PHE A 773 19.47 2.30 -23.85
C PHE A 773 19.70 2.33 -22.34
N GLY A 774 20.35 1.30 -21.82
CA GLY A 774 20.64 1.21 -20.40
C GLY A 774 21.48 2.38 -19.92
N LYS A 775 22.66 2.53 -20.51
CA LYS A 775 23.56 3.62 -20.17
C LYS A 775 22.86 4.96 -20.37
N ALA A 776 21.98 5.03 -21.36
CA ALA A 776 21.23 6.25 -21.62
C ALA A 776 20.26 6.54 -20.48
N GLY A 777 19.86 5.49 -19.77
CA GLY A 777 18.90 5.64 -18.69
C GLY A 777 19.55 6.15 -17.42
N GLU A 778 20.74 5.64 -17.11
CA GLU A 778 21.41 5.97 -15.86
C GLU A 778 21.97 7.38 -15.86
N ILE A 779 22.26 7.91 -17.05
CA ILE A 779 22.78 9.27 -17.16
C ILE A 779 21.69 10.31 -16.90
N LEU A 780 20.57 10.20 -17.60
CA LEU A 780 19.49 11.17 -17.44
C LEU A 780 18.93 11.09 -16.03
N THR A 781 18.99 9.90 -15.44
CA THR A 781 18.60 9.72 -14.05
C THR A 781 19.49 10.57 -13.15
N LYS A 782 20.72 10.83 -13.60
CA LYS A 782 21.61 11.70 -12.84
C LYS A 782 21.17 13.14 -13.09
N ARG A 783 20.96 13.48 -14.35
CA ARG A 783 20.54 14.81 -14.74
C ARG A 783 19.20 15.19 -14.10
N LEU A 784 18.25 14.28 -14.12
CA LEU A 784 16.93 14.54 -13.55
C LEU A 784 17.01 14.73 -12.03
N ARG A 785 17.52 13.72 -11.32
CA ARG A 785 17.62 13.81 -9.87
C ARG A 785 18.49 14.99 -9.43
N TYR A 786 19.44 15.37 -10.27
CA TYR A 786 20.32 16.49 -9.97
C TYR A 786 19.57 17.81 -10.16
N MET A 787 18.79 17.90 -11.22
CA MET A 787 18.03 19.11 -11.52
C MET A 787 16.83 19.25 -10.60
N VAL A 788 16.32 18.12 -10.10
CA VAL A 788 15.21 18.14 -9.16
C VAL A 788 15.70 18.56 -7.79
N PHE A 789 16.72 17.86 -7.28
CA PHE A 789 17.25 18.13 -5.96
C PHE A 789 17.73 19.58 -5.86
N LYS A 790 18.55 20.02 -6.82
CA LYS A 790 19.01 21.40 -6.87
C LYS A 790 17.85 22.37 -6.69
N SER A 791 16.88 22.28 -7.59
CA SER A 791 15.72 23.16 -7.54
C SER A 791 14.92 23.00 -6.25
N MET A 792 15.18 21.93 -5.49
CA MET A 792 14.48 21.73 -4.22
C MET A 792 15.20 22.49 -3.11
N LEU A 793 16.46 22.82 -3.34
CA LEU A 793 17.20 23.64 -2.41
C LEU A 793 16.97 25.11 -2.73
N ARG A 794 16.46 25.38 -3.93
CA ARG A 794 16.13 26.73 -4.34
C ARG A 794 14.95 27.26 -3.53
N GLN A 795 13.95 26.40 -3.34
CA GLN A 795 12.73 26.80 -2.64
C GLN A 795 13.02 27.28 -1.22
N ASP A 796 12.09 28.04 -0.66
CA ASP A 796 12.30 28.67 0.64
C ASP A 796 11.50 27.97 1.73
N VAL A 797 11.70 28.42 2.97
CA VAL A 797 11.10 27.82 4.15
C VAL A 797 9.58 27.78 4.05
N SER A 798 9.01 28.72 3.31
CA SER A 798 7.58 28.76 3.08
C SER A 798 7.09 27.45 2.47
N TRP A 799 7.87 26.90 1.54
CA TRP A 799 7.48 25.69 0.84
C TRP A 799 7.76 24.45 1.69
N PHE A 800 8.78 24.53 2.55
CA PHE A 800 9.21 23.39 3.34
C PHE A 800 8.37 23.20 4.61
N ASP A 801 7.60 24.22 4.97
CA ASP A 801 6.71 24.11 6.13
C ASP A 801 5.37 23.54 5.71
N ASP A 802 5.14 23.45 4.41
CA ASP A 802 3.90 22.93 3.86
C ASP A 802 3.65 21.53 4.40
N PRO A 803 2.41 21.25 4.87
CA PRO A 803 2.12 19.86 5.27
C PRO A 803 2.20 18.88 4.10
N LYS A 804 1.94 19.37 2.90
CA LYS A 804 2.01 18.54 1.69
C LYS A 804 3.42 18.00 1.48
N ASN A 805 4.42 18.83 1.78
CA ASN A 805 5.83 18.48 1.56
C ASN A 805 6.58 18.25 2.87
N THR A 806 6.80 16.99 3.20
CA THR A 806 7.68 16.63 4.31
C THR A 806 8.86 15.85 3.75
N THR A 807 9.91 15.71 4.56
CA THR A 807 11.16 15.10 4.12
C THR A 807 10.94 13.79 3.37
N GLY A 808 10.19 12.88 4.00
CA GLY A 808 9.89 11.60 3.40
C GLY A 808 9.19 11.73 2.07
N ALA A 809 8.15 12.57 2.03
CA ALA A 809 7.37 12.77 0.82
C ALA A 809 8.25 13.31 -0.30
N LEU A 810 9.19 14.18 0.07
CA LEU A 810 10.09 14.78 -0.90
C LEU A 810 11.09 13.76 -1.43
N THR A 811 11.71 12.99 -0.54
CA THR A 811 12.64 11.95 -0.95
C THR A 811 11.93 10.92 -1.83
N THR A 812 10.70 10.58 -1.46
CA THR A 812 9.89 9.64 -2.23
C THR A 812 9.62 10.19 -3.63
N ARG A 813 9.08 11.41 -3.67
CA ARG A 813 8.81 12.08 -4.94
C ARG A 813 10.11 12.20 -5.74
N LEU A 814 11.21 12.37 -5.03
CA LEU A 814 12.51 12.52 -5.67
C LEU A 814 12.95 11.21 -6.32
N ALA A 815 12.78 10.09 -5.61
CA ALA A 815 13.17 8.77 -6.11
C ALA A 815 12.25 8.25 -7.22
N ASN A 816 10.96 8.19 -6.93
CA ASN A 816 10.01 7.55 -7.84
C ASN A 816 10.03 8.10 -9.27
N ASP A 817 9.78 9.39 -9.42
CA ASP A 817 9.69 10.00 -10.75
C ASP A 817 10.90 9.69 -11.61
N ALA A 818 12.09 9.96 -11.08
CA ALA A 818 13.34 9.68 -11.78
C ALA A 818 13.43 8.20 -12.09
N ALA A 819 13.06 7.37 -11.13
CA ALA A 819 13.04 5.92 -11.35
C ALA A 819 12.03 5.55 -12.44
N GLN A 820 10.94 6.31 -12.52
CA GLN A 820 9.83 5.96 -13.42
C GLN A 820 10.09 6.36 -14.87
N VAL A 821 10.57 7.58 -15.10
CA VAL A 821 10.82 8.05 -16.45
C VAL A 821 11.82 7.15 -17.19
N LYS A 822 12.75 6.59 -16.42
CA LYS A 822 13.79 5.72 -16.96
C LYS A 822 13.18 4.48 -17.62
N GLY A 823 12.14 3.95 -17.01
CA GLY A 823 11.46 2.77 -17.55
C GLY A 823 10.78 3.07 -18.87
N ALA A 824 10.21 4.27 -18.98
CA ALA A 824 9.55 4.69 -20.21
C ALA A 824 10.58 4.90 -21.31
N THR A 825 11.58 5.73 -21.02
CA THR A 825 12.63 6.01 -22.00
C THR A 825 13.52 4.79 -22.23
N GLY A 826 13.34 3.76 -21.40
CA GLY A 826 14.22 2.62 -21.41
C GLY A 826 13.83 1.48 -22.34
N SER A 827 13.96 0.27 -21.84
CA SER A 827 13.80 -0.96 -22.61
C SER A 827 12.52 -0.99 -23.45
N ARG A 828 11.41 -0.60 -22.84
CA ARG A 828 10.11 -0.69 -23.50
C ARG A 828 10.20 -0.14 -24.92
N LEU A 829 10.66 1.10 -25.05
CA LEU A 829 10.76 1.75 -26.35
C LEU A 829 11.55 0.90 -27.35
N ALA A 830 12.73 0.46 -26.94
CA ALA A 830 13.58 -0.38 -27.77
C ALA A 830 12.80 -1.59 -28.24
N VAL A 831 12.09 -2.23 -27.31
CA VAL A 831 11.29 -3.40 -27.64
C VAL A 831 10.20 -3.05 -28.65
N ILE A 832 9.49 -1.95 -28.42
CA ILE A 832 8.40 -1.59 -29.33
C ILE A 832 8.94 -1.35 -30.74
N PHE A 833 10.00 -0.56 -30.85
CA PHE A 833 10.61 -0.31 -32.15
C PHE A 833 11.05 -1.63 -32.78
N GLN A 834 11.66 -2.49 -31.96
CA GLN A 834 12.04 -3.82 -32.40
C GLN A 834 10.82 -4.58 -32.93
N ASN A 835 9.69 -4.44 -32.25
CA ASN A 835 8.48 -5.14 -32.62
C ASN A 835 7.81 -4.61 -33.89
N ILE A 836 7.69 -3.29 -34.00
CA ILE A 836 7.11 -2.72 -35.21
C ILE A 836 8.01 -3.08 -36.39
N ALA A 837 9.32 -3.03 -36.16
CA ALA A 837 10.27 -3.46 -37.18
C ALA A 837 10.02 -4.92 -37.52
N ASN A 838 9.87 -5.74 -36.48
CA ASN A 838 9.60 -7.17 -36.64
C ASN A 838 8.38 -7.42 -37.52
N LEU A 839 7.23 -6.90 -37.10
CA LEU A 839 6.01 -7.08 -37.87
C LEU A 839 6.15 -6.47 -39.25
N GLY A 840 6.87 -5.37 -39.36
CA GLY A 840 7.10 -4.71 -40.64
C GLY A 840 7.81 -5.58 -41.65
N THR A 841 9.00 -6.06 -41.27
CA THR A 841 9.75 -6.95 -42.15
C THR A 841 8.96 -8.22 -42.42
N GLY A 842 8.39 -8.79 -41.35
CA GLY A 842 7.57 -9.97 -41.47
C GLY A 842 6.45 -9.79 -42.47
N ILE A 843 5.74 -8.67 -42.37
CA ILE A 843 4.58 -8.44 -43.21
C ILE A 843 5.00 -8.14 -44.64
N ILE A 844 6.10 -7.42 -44.82
CA ILE A 844 6.62 -7.18 -46.16
C ILE A 844 6.93 -8.51 -46.84
N ILE A 845 7.73 -9.34 -46.18
CA ILE A 845 8.08 -10.65 -46.74
C ILE A 845 6.84 -11.48 -47.03
N SER A 846 5.99 -11.64 -46.01
CA SER A 846 4.76 -12.41 -46.15
C SER A 846 3.89 -11.89 -47.28
N LEU A 847 3.78 -10.56 -47.35
CA LEU A 847 2.91 -9.91 -48.33
C LEU A 847 3.44 -10.16 -49.73
N ILE A 848 4.74 -9.97 -49.93
CA ILE A 848 5.31 -10.13 -51.26
C ILE A 848 5.31 -11.60 -51.71
N TYR A 849 5.58 -12.52 -50.78
CA TYR A 849 5.53 -13.94 -51.12
C TYR A 849 4.12 -14.43 -51.45
N GLY A 850 3.23 -14.40 -50.45
CA GLY A 850 1.86 -14.85 -50.62
C GLY A 850 0.92 -13.74 -51.04
N TRP A 851 0.30 -13.90 -52.21
CA TRP A 851 -0.70 -12.96 -52.71
C TRP A 851 -2.07 -13.36 -52.18
N GLN A 852 -2.73 -12.43 -51.50
CA GLN A 852 -4.02 -12.66 -50.85
C GLN A 852 -3.98 -13.69 -49.72
N LEU A 853 -2.86 -14.40 -49.57
CA LEU A 853 -2.70 -15.33 -48.47
C LEU A 853 -2.51 -14.51 -47.20
N THR A 854 -1.69 -13.47 -47.30
CA THR A 854 -1.43 -12.56 -46.20
C THR A 854 -2.64 -11.67 -45.93
N LEU A 855 -3.22 -11.17 -47.03
CA LEU A 855 -4.38 -10.29 -46.95
C LEU A 855 -5.50 -10.94 -46.15
N LEU A 856 -5.63 -12.25 -46.27
CA LEU A 856 -6.63 -12.99 -45.52
C LEU A 856 -6.30 -12.99 -44.03
N LEU A 857 -5.09 -13.42 -43.70
CA LEU A 857 -4.67 -13.51 -42.29
C LEU A 857 -4.79 -12.17 -41.60
N LEU A 858 -4.39 -11.11 -42.28
CA LEU A 858 -4.46 -9.77 -41.70
C LEU A 858 -5.89 -9.35 -41.40
N ALA A 859 -6.86 -10.07 -41.95
CA ALA A 859 -8.27 -9.84 -41.62
C ALA A 859 -8.66 -10.63 -40.37
N ILE A 860 -7.97 -11.74 -40.13
CA ILE A 860 -8.30 -12.61 -39.01
C ILE A 860 -7.59 -12.19 -37.73
N VAL A 861 -6.28 -11.98 -37.81
CA VAL A 861 -5.45 -11.79 -36.61
C VAL A 861 -5.87 -10.59 -35.75
N PRO A 862 -6.12 -9.43 -36.37
CA PRO A 862 -6.50 -8.28 -35.54
C PRO A 862 -7.84 -8.48 -34.84
N ILE A 863 -8.71 -9.28 -35.42
CA ILE A 863 -10.03 -9.52 -34.85
C ILE A 863 -9.94 -10.37 -33.58
N ILE A 864 -9.05 -11.37 -33.59
CA ILE A 864 -8.88 -12.22 -32.42
C ILE A 864 -8.09 -11.49 -31.34
N ALA A 865 -7.19 -10.59 -31.77
CA ALA A 865 -6.42 -9.79 -30.83
C ALA A 865 -7.34 -8.83 -30.09
N ILE A 866 -8.12 -8.07 -30.85
CA ILE A 866 -9.09 -7.13 -30.28
C ILE A 866 -10.12 -7.88 -29.44
N ALA A 867 -10.54 -9.04 -29.92
CA ALA A 867 -11.48 -9.88 -29.18
C ALA A 867 -10.83 -10.35 -27.89
N GLY A 868 -9.50 -10.38 -27.87
CA GLY A 868 -8.75 -10.75 -26.68
C GLY A 868 -8.66 -9.61 -25.70
N VAL A 869 -8.59 -8.38 -26.20
CA VAL A 869 -8.50 -7.20 -25.36
C VAL A 869 -9.86 -6.87 -24.73
N VAL A 870 -10.93 -6.98 -25.52
CA VAL A 870 -12.26 -6.65 -25.04
C VAL A 870 -12.70 -7.59 -23.91
N GLU A 871 -12.22 -8.83 -23.94
CA GLU A 871 -12.53 -9.79 -22.89
C GLU A 871 -11.98 -9.33 -21.55
N MET A 872 -10.73 -8.87 -21.57
CA MET A 872 -10.06 -8.41 -20.36
C MET A 872 -10.76 -7.18 -19.80
N LYS A 873 -11.37 -6.40 -20.68
CA LYS A 873 -12.11 -5.20 -20.27
C LYS A 873 -13.36 -5.58 -19.50
N MET A 874 -14.07 -6.60 -19.98
CA MET A 874 -15.28 -7.06 -19.30
C MET A 874 -14.90 -7.68 -17.96
N LEU A 875 -13.75 -8.34 -17.93
CA LEU A 875 -13.25 -8.99 -16.72
C LEU A 875 -12.99 -7.96 -15.63
N SER A 876 -12.39 -6.83 -16.01
CA SER A 876 -12.13 -5.76 -15.06
C SER A 876 -13.42 -5.10 -14.63
N GLY A 877 -14.37 -4.99 -15.55
CA GLY A 877 -15.66 -4.38 -15.26
C GLY A 877 -16.44 -5.20 -14.25
N GLN A 878 -16.55 -6.50 -14.49
CA GLN A 878 -17.26 -7.39 -13.58
C GLN A 878 -16.53 -7.47 -12.25
N ALA A 879 -15.21 -7.33 -12.29
CA ALA A 879 -14.41 -7.35 -11.08
C ALA A 879 -14.69 -6.13 -10.23
N LEU A 880 -14.67 -4.96 -10.86
CA LEU A 880 -14.92 -3.71 -10.16
C LEU A 880 -16.34 -3.67 -9.59
N LYS A 881 -17.31 -4.07 -10.41
CA LYS A 881 -18.71 -4.05 -9.98
C LYS A 881 -18.93 -4.97 -8.80
N ASP A 882 -18.29 -6.14 -8.82
CA ASP A 882 -18.41 -7.10 -7.73
C ASP A 882 -17.78 -6.54 -6.46
N LYS A 883 -16.67 -5.84 -6.61
CA LYS A 883 -15.99 -5.21 -5.48
C LYS A 883 -16.89 -4.18 -4.82
N LYS A 884 -17.73 -3.52 -5.62
CA LYS A 884 -18.62 -2.49 -5.11
C LYS A 884 -19.80 -3.07 -4.34
N GLU A 885 -20.19 -4.28 -4.68
CA GLU A 885 -21.35 -4.92 -4.06
C GLU A 885 -21.01 -5.56 -2.72
N LEU A 886 -19.88 -6.27 -2.66
CA LEU A 886 -19.44 -6.89 -1.42
C LEU A 886 -18.89 -5.84 -0.46
N GLU A 887 -18.56 -4.66 -0.99
CA GLU A 887 -18.11 -3.55 -0.17
C GLU A 887 -19.27 -3.07 0.72
N GLY A 888 -20.48 -3.14 0.18
CA GLY A 888 -21.66 -2.76 0.94
C GLY A 888 -22.03 -3.77 2.00
N SER A 889 -21.81 -5.05 1.70
CA SER A 889 -22.09 -6.13 2.64
C SER A 889 -21.00 -6.19 3.69
N GLY A 890 -19.77 -5.88 3.28
CA GLY A 890 -18.64 -5.83 4.21
C GLY A 890 -18.72 -4.62 5.11
N LYS A 891 -19.54 -3.65 4.72
CA LYS A 891 -19.72 -2.42 5.48
C LYS A 891 -20.70 -2.65 6.63
N ILE A 892 -21.68 -3.51 6.39
CA ILE A 892 -22.66 -3.87 7.42
C ILE A 892 -22.12 -4.96 8.35
N ALA A 893 -21.00 -5.55 7.94
CA ALA A 893 -20.28 -6.50 8.78
C ALA A 893 -19.36 -5.76 9.74
N THR A 894 -18.67 -4.76 9.21
CA THR A 894 -17.75 -3.97 10.02
C THR A 894 -18.53 -3.24 11.10
N GLU A 895 -19.68 -2.72 10.74
CA GLU A 895 -20.57 -2.06 11.71
C GLU A 895 -21.00 -3.03 12.80
N ALA A 896 -21.20 -4.29 12.41
CA ALA A 896 -21.70 -5.32 13.32
C ALA A 896 -20.61 -5.85 14.26
N ILE A 897 -19.41 -6.06 13.75
CA ILE A 897 -18.36 -6.67 14.55
C ILE A 897 -17.50 -5.66 15.30
N GLU A 898 -17.62 -4.38 14.96
CA GLU A 898 -16.88 -3.35 15.68
C GLU A 898 -17.62 -2.94 16.95
N ASN A 899 -18.91 -2.70 16.83
CA ASN A 899 -19.75 -2.33 17.98
C ASN A 899 -20.32 -3.56 18.67
N PHE A 900 -19.69 -4.70 18.44
CA PHE A 900 -20.24 -5.99 18.84
C PHE A 900 -20.71 -6.04 20.30
N ARG A 901 -19.85 -5.61 21.22
CA ARG A 901 -20.15 -5.77 22.65
C ARG A 901 -21.50 -5.14 23.00
N THR A 902 -21.98 -4.25 22.14
CA THR A 902 -23.31 -3.69 22.30
C THR A 902 -24.36 -4.58 21.67
N VAL A 903 -24.09 -5.10 20.47
CA VAL A 903 -25.07 -5.93 19.79
C VAL A 903 -25.34 -7.21 20.57
N VAL A 904 -24.31 -7.75 21.21
CA VAL A 904 -24.50 -8.95 22.03
C VAL A 904 -25.42 -8.64 23.22
N SER A 905 -25.34 -7.42 23.73
CA SER A 905 -26.14 -7.00 24.89
C SER A 905 -27.59 -6.81 24.50
N LEU A 906 -27.81 -6.39 23.26
CA LEU A 906 -29.15 -6.18 22.74
C LEU A 906 -29.63 -7.40 21.96
N THR A 907 -28.79 -8.44 21.92
CA THR A 907 -29.05 -9.60 21.07
C THR A 907 -29.23 -9.15 19.62
N ARG A 908 -30.22 -9.69 18.92
CA ARG A 908 -30.50 -9.27 17.54
C ARG A 908 -29.28 -9.47 16.64
N GLU A 909 -28.44 -10.43 16.99
CA GLU A 909 -27.35 -10.84 16.12
C GLU A 909 -27.97 -11.43 14.86
N GLN A 910 -29.04 -12.19 15.06
CA GLN A 910 -29.80 -12.79 13.95
C GLN A 910 -30.25 -11.72 12.97
N LYS A 911 -30.51 -10.53 13.48
CA LYS A 911 -30.86 -9.39 12.63
C LYS A 911 -29.70 -9.18 11.67
N PHE A 912 -28.52 -8.93 12.22
CA PHE A 912 -27.33 -8.73 11.40
C PHE A 912 -27.05 -9.93 10.49
N GLU A 913 -27.35 -11.14 10.96
CA GLU A 913 -27.24 -12.33 10.11
C GLU A 913 -28.10 -12.12 8.86
N THR A 914 -29.36 -11.81 9.08
CA THR A 914 -30.32 -11.61 8.00
C THR A 914 -29.88 -10.48 7.06
N MET A 915 -29.52 -9.33 7.63
CA MET A 915 -29.08 -8.19 6.84
C MET A 915 -27.87 -8.58 5.99
N TYR A 916 -26.92 -9.28 6.62
CA TYR A 916 -25.74 -9.78 5.93
C TYR A 916 -26.17 -10.63 4.74
N ALA A 917 -27.03 -11.62 5.00
CA ALA A 917 -27.52 -12.50 3.94
C ALA A 917 -28.12 -11.72 2.79
N GLN A 918 -29.08 -10.85 3.11
CA GLN A 918 -29.73 -10.04 2.08
C GLN A 918 -28.69 -9.21 1.32
N SER A 919 -27.69 -8.72 2.05
CA SER A 919 -26.62 -7.95 1.42
C SER A 919 -25.83 -8.85 0.48
N LEU A 920 -25.63 -10.09 0.89
CA LEU A 920 -24.89 -11.06 0.08
C LEU A 920 -25.67 -11.54 -1.14
N GLN A 921 -26.99 -11.64 -1.02
CA GLN A 921 -27.81 -12.21 -2.08
C GLN A 921 -27.61 -11.56 -3.46
N ILE A 922 -27.22 -10.28 -3.48
CA ILE A 922 -27.03 -9.59 -4.75
C ILE A 922 -25.74 -10.04 -5.45
N PRO A 923 -24.60 -10.03 -4.73
CA PRO A 923 -23.39 -10.62 -5.31
C PRO A 923 -23.57 -12.08 -5.74
N TYR A 924 -24.40 -12.82 -5.02
CA TYR A 924 -24.62 -14.23 -5.33
C TYR A 924 -25.21 -14.40 -6.72
N ARG A 925 -26.28 -13.66 -7.01
CA ARG A 925 -26.88 -13.70 -8.34
C ARG A 925 -25.92 -13.17 -9.39
N ASN A 926 -25.09 -12.21 -8.98
CA ASN A 926 -24.09 -11.65 -9.88
C ASN A 926 -23.04 -12.70 -10.24
N ALA A 927 -22.68 -13.51 -9.26
CA ALA A 927 -21.67 -14.55 -9.45
C ALA A 927 -22.16 -15.65 -10.39
N MET A 928 -23.47 -15.85 -10.45
CA MET A 928 -24.05 -16.83 -11.35
C MET A 928 -23.87 -16.36 -12.79
N LYS A 929 -24.16 -15.10 -13.05
CA LYS A 929 -23.99 -14.51 -14.37
C LYS A 929 -22.51 -14.53 -14.75
N LYS A 930 -21.64 -14.34 -13.78
CA LYS A 930 -20.20 -14.28 -14.01
C LYS A 930 -19.71 -15.51 -14.76
N ALA A 931 -20.13 -16.68 -14.30
CA ALA A 931 -19.71 -17.93 -14.92
C ALA A 931 -20.23 -18.03 -16.34
N HIS A 932 -21.47 -17.59 -16.55
CA HIS A 932 -22.08 -17.61 -17.87
C HIS A 932 -21.25 -16.77 -18.84
N VAL A 933 -20.75 -15.64 -18.37
CA VAL A 933 -19.96 -14.74 -19.19
C VAL A 933 -18.52 -15.24 -19.34
N PHE A 934 -17.90 -15.56 -18.21
CA PHE A 934 -16.50 -16.01 -18.20
C PHE A 934 -16.29 -17.19 -19.15
N GLY A 935 -17.34 -17.97 -19.35
CA GLY A 935 -17.28 -19.11 -20.25
C GLY A 935 -17.32 -18.70 -21.72
N ILE A 936 -18.35 -17.94 -22.08
CA ILE A 936 -18.55 -17.53 -23.48
C ILE A 936 -17.34 -16.80 -24.04
N THR A 937 -16.84 -15.82 -23.29
CA THR A 937 -15.71 -15.03 -23.76
C THR A 937 -14.47 -15.88 -23.95
N PHE A 938 -14.29 -16.86 -23.06
CA PHE A 938 -13.16 -17.77 -23.17
C PHE A 938 -13.32 -18.64 -24.41
N SER A 939 -14.42 -19.39 -24.47
CA SER A 939 -14.67 -20.32 -25.57
C SER A 939 -14.67 -19.63 -26.93
N PHE A 940 -15.08 -18.37 -26.96
CA PHE A 940 -15.13 -17.62 -28.20
C PHE A 940 -13.72 -17.32 -28.70
N THR A 941 -12.85 -16.89 -27.78
CA THR A 941 -11.47 -16.56 -28.13
C THR A 941 -10.69 -17.82 -28.51
N GLN A 942 -11.02 -18.94 -27.88
CA GLN A 942 -10.40 -20.22 -28.22
C GLN A 942 -10.90 -20.70 -29.57
N ALA A 943 -12.22 -20.75 -29.72
CA ALA A 943 -12.84 -21.23 -30.95
C ALA A 943 -12.42 -20.39 -32.15
N MET A 944 -12.31 -19.08 -31.94
CA MET A 944 -11.88 -18.18 -33.00
C MET A 944 -10.47 -18.52 -33.45
N MET A 945 -9.61 -18.85 -32.48
CA MET A 945 -8.22 -19.19 -32.79
C MET A 945 -8.11 -20.51 -33.54
N TYR A 946 -8.98 -21.46 -33.22
CA TYR A 946 -8.98 -22.76 -33.90
C TYR A 946 -9.62 -22.68 -35.28
N PHE A 947 -10.75 -22.00 -35.37
CA PHE A 947 -11.42 -21.80 -36.65
C PHE A 947 -10.54 -20.97 -37.58
N SER A 948 -9.88 -19.96 -37.01
CA SER A 948 -8.93 -19.15 -37.77
C SER A 948 -7.89 -20.07 -38.39
N TYR A 949 -7.49 -21.09 -37.64
CA TYR A 949 -6.48 -22.02 -38.10
C TYR A 949 -6.99 -22.92 -39.23
N ALA A 950 -8.31 -23.09 -39.28
CA ALA A 950 -8.91 -23.88 -40.34
C ALA A 950 -8.89 -23.09 -41.66
N ALA A 951 -9.18 -21.80 -41.56
CA ALA A 951 -9.13 -20.92 -42.72
C ALA A 951 -7.70 -20.82 -43.24
N CYS A 952 -6.74 -20.91 -42.33
CA CYS A 952 -5.33 -20.80 -42.67
C CYS A 952 -4.94 -21.80 -43.76
N PHE A 953 -5.14 -23.08 -43.49
CA PHE A 953 -4.74 -24.12 -44.43
C PHE A 953 -5.80 -24.37 -45.50
N ARG A 954 -7.05 -24.00 -45.22
CA ARG A 954 -8.11 -24.19 -46.20
C ARG A 954 -7.90 -23.27 -47.39
N PHE A 955 -7.58 -22.01 -47.11
CA PHE A 955 -7.25 -21.05 -48.16
C PHE A 955 -5.82 -21.28 -48.64
N GLY A 956 -4.97 -21.74 -47.72
CA GLY A 956 -3.60 -22.08 -48.08
C GLY A 956 -3.58 -23.22 -49.07
N ALA A 957 -4.40 -24.23 -48.81
CA ALA A 957 -4.66 -25.29 -49.79
C ALA A 957 -5.78 -24.81 -50.69
N TYR A 958 -6.34 -25.71 -51.50
CA TYR A 958 -7.50 -25.39 -52.32
C TYR A 958 -7.19 -24.24 -53.28
N LEU A 959 -7.76 -23.06 -53.02
CA LEU A 959 -7.67 -21.93 -53.96
C LEU A 959 -6.23 -21.47 -54.23
N VAL A 960 -5.35 -21.58 -53.24
CA VAL A 960 -3.96 -21.12 -53.38
C VAL A 960 -3.05 -22.22 -53.90
N THR A 961 -3.25 -23.45 -53.45
CA THR A 961 -2.38 -24.55 -53.84
C THR A 961 -2.83 -25.16 -55.18
N GLN A 962 -4.07 -24.94 -55.57
CA GLN A 962 -4.51 -25.33 -56.91
C GLN A 962 -3.77 -24.47 -57.92
N GLN A 963 -3.47 -23.24 -57.50
CA GLN A 963 -2.60 -22.35 -58.27
C GLN A 963 -1.15 -22.78 -58.01
N LEU A 964 -0.22 -22.17 -58.73
CA LEU A 964 1.20 -22.52 -58.60
C LEU A 964 1.81 -22.12 -57.25
N MET A 965 1.09 -21.33 -56.47
CA MET A 965 1.58 -20.90 -55.16
C MET A 965 1.82 -22.11 -54.26
N THR A 966 2.92 -22.07 -53.51
CA THR A 966 3.44 -23.28 -52.86
C THR A 966 3.36 -23.28 -51.33
N PHE A 967 3.49 -24.48 -50.77
CA PHE A 967 3.36 -24.74 -49.34
C PHE A 967 4.46 -24.08 -48.50
N GLU A 968 5.68 -24.11 -49.01
CA GLU A 968 6.84 -23.56 -48.31
C GLU A 968 6.62 -22.10 -47.94
N ASN A 969 5.90 -21.39 -48.80
CA ASN A 969 5.60 -19.99 -48.54
C ASN A 969 4.48 -19.84 -47.53
N VAL A 970 3.51 -20.74 -47.58
CA VAL A 970 2.41 -20.75 -46.63
C VAL A 970 2.98 -20.88 -45.21
N LEU A 971 3.81 -21.90 -45.03
CA LEU A 971 4.47 -22.14 -43.75
C LEU A 971 5.27 -20.91 -43.30
N LEU A 972 5.81 -20.18 -44.28
CA LEU A 972 6.58 -18.97 -43.99
C LEU A 972 5.66 -17.85 -43.51
N VAL A 973 4.58 -17.64 -44.25
CA VAL A 973 3.65 -16.55 -43.94
C VAL A 973 3.06 -16.74 -42.55
N PHE A 974 2.60 -17.94 -42.23
CA PHE A 974 1.99 -18.15 -40.92
C PHE A 974 2.93 -17.75 -39.79
N SER A 975 4.12 -18.36 -39.79
CA SER A 975 5.17 -18.00 -38.85
C SER A 975 5.29 -16.48 -38.82
N ALA A 976 5.72 -15.90 -39.94
CA ALA A 976 5.97 -14.46 -40.03
C ALA A 976 4.86 -13.60 -39.40
N ILE A 977 3.65 -13.74 -39.93
CA ILE A 977 2.52 -12.94 -39.48
C ILE A 977 2.23 -13.10 -37.99
N VAL A 978 2.05 -14.33 -37.54
CA VAL A 978 1.64 -14.51 -36.15
C VAL A 978 2.80 -14.15 -35.22
N PHE A 979 4.02 -14.27 -35.71
CA PHE A 979 5.18 -13.76 -34.99
C PHE A 979 5.01 -12.28 -34.77
N GLY A 980 4.81 -11.57 -35.88
CA GLY A 980 4.56 -10.14 -35.83
C GLY A 980 3.53 -9.81 -34.79
N ALA A 981 2.38 -10.46 -34.87
CA ALA A 981 1.30 -10.22 -33.91
C ALA A 981 1.75 -10.45 -32.46
N MET A 982 2.27 -11.64 -32.18
CA MET A 982 2.69 -11.97 -30.83
C MET A 982 3.79 -11.03 -30.35
N ALA A 983 4.51 -10.43 -31.28
CA ALA A 983 5.40 -9.33 -30.94
C ALA A 983 4.62 -8.05 -30.65
N VAL A 984 3.58 -7.78 -31.44
CA VAL A 984 2.71 -6.64 -31.16
C VAL A 984 2.07 -6.73 -29.78
N GLY A 985 1.75 -7.94 -29.33
CA GLY A 985 1.21 -8.13 -27.98
C GLY A 985 1.97 -7.37 -26.90
N GLN A 986 3.30 -7.34 -27.02
CA GLN A 986 4.13 -6.63 -26.05
C GLN A 986 3.83 -5.14 -26.04
N VAL A 987 3.32 -4.62 -27.14
CA VAL A 987 2.90 -3.23 -27.21
C VAL A 987 1.81 -2.98 -26.18
N SER A 988 0.78 -3.82 -26.21
CA SER A 988 -0.31 -3.72 -25.24
C SER A 988 0.23 -3.99 -23.84
N SER A 989 1.12 -4.97 -23.72
CA SER A 989 1.71 -5.28 -22.41
C SER A 989 2.50 -4.10 -21.84
N PHE A 990 3.17 -3.34 -22.71
CA PHE A 990 4.02 -2.24 -22.27
C PHE A 990 3.32 -0.88 -22.22
N ALA A 991 2.00 -0.88 -22.36
CA ALA A 991 1.23 0.36 -22.34
C ALA A 991 1.19 1.07 -20.98
N PRO A 992 1.04 0.33 -19.87
CA PRO A 992 0.82 1.03 -18.60
C PRO A 992 2.05 1.77 -18.09
N ASP A 993 3.22 1.39 -18.62
CA ASP A 993 4.48 1.98 -18.16
C ASP A 993 4.55 3.46 -18.49
N TYR A 994 4.24 3.83 -19.73
CA TYR A 994 4.31 5.22 -20.15
C TYR A 994 3.29 6.07 -19.43
N ALA A 995 2.09 5.53 -19.26
CA ALA A 995 1.02 6.23 -18.56
C ALA A 995 1.49 6.63 -17.16
N LYS A 996 2.06 5.67 -16.44
CA LYS A 996 2.60 5.92 -15.10
C LYS A 996 3.77 6.90 -15.18
N ALA A 997 4.64 6.67 -16.16
CA ALA A 997 5.81 7.52 -16.34
C ALA A 997 5.40 8.97 -16.61
N THR A 998 4.34 9.14 -17.40
CA THR A 998 3.83 10.47 -17.72
C THR A 998 3.39 11.19 -16.45
N VAL A 999 2.57 10.51 -15.64
CA VAL A 999 2.11 11.07 -14.37
C VAL A 999 3.31 11.38 -13.50
N SER A 1000 4.30 10.50 -13.52
CA SER A 1000 5.52 10.69 -12.76
C SER A 1000 6.44 11.69 -13.44
N ALA A 1001 6.26 11.85 -14.76
CA ALA A 1001 7.00 12.86 -15.52
C ALA A 1001 6.27 14.19 -15.47
N SER A 1002 4.97 14.13 -15.17
CA SER A 1002 4.17 15.34 -15.05
C SER A 1002 4.62 16.14 -13.84
N HIS A 1003 4.96 15.44 -12.76
CA HIS A 1003 5.40 16.10 -11.53
C HIS A 1003 6.82 16.62 -11.65
N ILE A 1004 7.68 15.87 -12.32
CA ILE A 1004 9.12 16.12 -12.26
C ILE A 1004 9.57 17.36 -13.03
N ILE A 1005 8.76 17.80 -13.99
CA ILE A 1005 9.06 19.01 -14.75
C ILE A 1005 8.50 20.23 -14.03
N ARG A 1006 7.35 20.07 -13.37
CA ARG A 1006 6.73 21.14 -12.63
C ARG A 1006 7.63 21.57 -11.45
N ILE A 1007 8.19 20.57 -10.78
CA ILE A 1007 8.99 20.82 -9.58
C ILE A 1007 10.27 21.59 -9.90
N ILE A 1008 10.71 21.50 -11.16
CA ILE A 1008 11.88 22.24 -11.61
C ILE A 1008 11.52 23.68 -11.90
N GLU A 1009 10.35 23.87 -12.52
CA GLU A 1009 9.93 25.18 -13.00
C GLU A 1009 9.29 26.04 -11.92
N LYS A 1010 8.97 25.44 -10.78
CA LYS A 1010 8.43 26.22 -9.67
C LYS A 1010 9.51 27.16 -9.15
N THR A 1011 9.13 28.43 -8.95
CA THR A 1011 10.06 29.46 -8.50
C THR A 1011 9.63 30.04 -7.16
N PRO A 1012 10.60 30.39 -6.30
CA PRO A 1012 10.28 30.91 -4.96
C PRO A 1012 10.13 32.43 -4.92
N GLU A 1013 9.56 32.94 -3.82
CA GLU A 1013 9.49 34.38 -3.60
C GLU A 1013 10.87 34.91 -3.25
N ILE A 1014 11.58 34.17 -2.41
CA ILE A 1014 12.96 34.47 -2.06
C ILE A 1014 13.85 33.37 -2.63
N ASP A 1015 14.76 33.72 -3.53
CA ASP A 1015 15.71 32.74 -4.07
C ASP A 1015 17.13 33.05 -3.64
N SER A 1016 17.80 32.05 -3.07
CA SER A 1016 19.15 32.21 -2.57
C SER A 1016 20.16 32.20 -3.73
N TYR A 1017 19.72 31.76 -4.90
CA TYR A 1017 20.61 31.58 -6.04
C TYR A 1017 20.87 32.90 -6.78
N SER A 1018 19.98 33.87 -6.64
CA SER A 1018 20.14 35.14 -7.33
C SER A 1018 21.39 35.87 -6.83
N THR A 1019 22.25 36.25 -7.77
CA THR A 1019 23.48 36.96 -7.46
C THR A 1019 23.23 38.45 -7.24
N GLN A 1020 21.99 38.88 -7.45
CA GLN A 1020 21.61 40.26 -7.20
C GLN A 1020 21.57 40.52 -5.70
N GLY A 1021 21.54 41.79 -5.31
CA GLY A 1021 21.62 42.18 -3.92
C GLY A 1021 22.82 43.09 -3.71
N LEU A 1022 22.79 43.90 -2.66
CA LEU A 1022 23.73 45.00 -2.50
C LEU A 1022 25.14 44.61 -2.07
N LYS A 1023 25.24 43.70 -1.10
CA LYS A 1023 26.54 43.33 -0.53
C LYS A 1023 27.25 44.57 0.03
N PRO A 1024 26.69 45.19 1.09
CA PRO A 1024 27.26 46.41 1.68
C PRO A 1024 28.73 46.27 2.07
N ASN A 1025 29.43 47.39 2.17
CA ASN A 1025 30.85 47.41 2.51
C ASN A 1025 31.10 47.71 3.98
N MET A 1026 30.07 48.16 4.68
CA MET A 1026 30.21 48.57 6.07
C MET A 1026 29.87 47.43 7.03
N LEU A 1027 30.77 47.20 7.98
CA LEU A 1027 30.71 46.04 8.87
C LEU A 1027 29.63 46.16 9.94
N GLU A 1028 29.73 47.21 10.75
CA GLU A 1028 28.96 47.30 12.00
C GLU A 1028 27.47 47.05 11.79
N GLY A 1029 26.91 46.18 12.62
CA GLY A 1029 25.52 45.79 12.52
C GLY A 1029 24.64 46.41 13.59
N ASN A 1030 23.52 47.00 13.15
CA ASN A 1030 22.41 47.32 14.03
C ASN A 1030 21.24 46.48 13.58
N VAL A 1031 20.11 46.55 14.27
CA VAL A 1031 18.92 45.85 13.84
C VAL A 1031 17.67 46.67 14.16
N GLN A 1032 17.00 47.11 13.10
CA GLN A 1032 15.79 47.91 13.24
C GLN A 1032 14.58 47.09 12.83
N PHE A 1033 13.75 46.71 13.79
CA PHE A 1033 12.44 46.15 13.50
C PHE A 1033 11.45 47.30 13.65
N SER A 1034 10.61 47.49 12.64
CA SER A 1034 9.68 48.61 12.63
C SER A 1034 8.30 48.22 12.12
N GLY A 1035 7.30 48.34 13.00
CA GLY A 1035 5.91 48.12 12.64
C GLY A 1035 5.68 46.83 11.87
N VAL A 1036 6.31 45.75 12.34
CA VAL A 1036 6.23 44.47 11.64
C VAL A 1036 4.96 43.72 11.98
N VAL A 1037 4.32 43.17 10.95
CA VAL A 1037 3.18 42.28 11.11
C VAL A 1037 3.51 40.97 10.40
N PHE A 1038 3.38 39.85 11.11
CA PHE A 1038 3.67 38.55 10.50
C PHE A 1038 2.65 37.47 10.84
N ASN A 1039 2.15 36.82 9.79
CA ASN A 1039 1.36 35.60 9.91
C ASN A 1039 2.07 34.51 9.13
N TYR A 1040 2.16 33.32 9.72
CA TYR A 1040 2.84 32.21 9.07
C TYR A 1040 2.02 31.69 7.89
N PRO A 1041 2.66 31.48 6.72
CA PRO A 1041 1.94 31.04 5.52
C PRO A 1041 1.17 29.74 5.69
N THR A 1042 1.59 28.92 6.66
CA THR A 1042 0.91 27.66 6.92
C THR A 1042 -0.35 27.87 7.75
N ARG A 1043 -0.31 28.89 8.62
CA ARG A 1043 -1.41 29.18 9.52
C ARG A 1043 -1.71 30.67 9.55
N PRO A 1044 -2.39 31.18 8.50
CA PRO A 1044 -2.77 32.60 8.42
C PRO A 1044 -4.05 32.90 9.21
N SER A 1045 -4.16 32.33 10.40
CA SER A 1045 -5.31 32.54 11.28
C SER A 1045 -4.89 33.40 12.46
N ILE A 1046 -4.21 32.78 13.43
CA ILE A 1046 -3.71 33.51 14.59
C ILE A 1046 -2.38 34.17 14.21
N PRO A 1047 -2.32 35.51 14.23
CA PRO A 1047 -1.07 36.19 13.90
C PRO A 1047 -0.07 36.14 15.05
N VAL A 1048 1.20 35.99 14.73
CA VAL A 1048 2.25 35.94 15.75
C VAL A 1048 2.81 37.33 16.04
N LEU A 1049 3.03 38.12 14.99
CA LEU A 1049 3.52 39.50 15.13
C LEU A 1049 2.51 40.51 14.59
N GLN A 1050 2.29 41.57 15.35
CA GLN A 1050 1.42 42.66 14.93
C GLN A 1050 2.09 43.96 15.33
N GLY A 1051 2.68 44.66 14.37
CA GLY A 1051 3.30 45.94 14.62
C GLY A 1051 4.45 45.89 15.62
N LEU A 1052 5.33 44.91 15.44
CA LEU A 1052 6.49 44.77 16.31
C LEU A 1052 7.57 45.79 15.92
N SER A 1053 8.20 46.40 16.91
CA SER A 1053 9.25 47.39 16.65
C SER A 1053 10.40 47.38 17.66
N LEU A 1054 11.60 47.03 17.17
CA LEU A 1054 12.78 46.87 18.03
C LEU A 1054 13.97 47.64 17.48
N GLU A 1055 14.90 47.97 18.37
CA GLU A 1055 16.16 48.57 17.98
C GLU A 1055 17.29 48.11 18.89
N VAL A 1056 18.39 47.68 18.29
CA VAL A 1056 19.57 47.23 19.03
C VAL A 1056 20.87 47.73 18.38
N LYS A 1057 21.62 48.55 19.13
CA LYS A 1057 22.87 49.08 18.62
C LYS A 1057 23.90 47.96 18.50
N LYS A 1058 25.04 48.26 17.88
CA LYS A 1058 26.10 47.27 17.75
C LYS A 1058 26.73 46.99 19.10
N GLY A 1059 27.40 45.84 19.20
CA GLY A 1059 28.20 45.50 20.36
C GLY A 1059 27.44 45.53 21.68
N GLN A 1060 26.13 45.30 21.62
CA GLN A 1060 25.32 45.19 22.83
C GLN A 1060 24.27 44.09 22.70
N THR A 1061 23.90 43.52 23.84
CA THR A 1061 23.00 42.37 23.88
C THR A 1061 21.55 42.82 23.98
N LEU A 1062 20.72 42.25 23.11
CA LEU A 1062 19.26 42.48 23.14
C LEU A 1062 18.56 41.25 23.69
N ALA A 1063 18.16 41.31 24.95
CA ALA A 1063 17.39 40.24 25.54
C ALA A 1063 15.95 40.37 25.09
N LEU A 1064 15.30 39.25 24.80
CA LEU A 1064 13.90 39.27 24.39
C LEU A 1064 13.05 38.26 25.16
N VAL A 1065 12.14 38.79 25.99
CA VAL A 1065 11.26 37.97 26.82
C VAL A 1065 9.84 38.01 26.29
N GLY A 1066 9.10 36.93 26.48
CA GLY A 1066 7.73 36.85 26.00
C GLY A 1066 6.86 35.92 26.81
N SER A 1067 5.54 36.10 26.67
CA SER A 1067 4.58 35.23 27.34
C SER A 1067 4.77 33.79 26.87
N SER A 1068 4.70 33.59 25.56
CA SER A 1068 4.95 32.28 24.96
C SER A 1068 4.86 32.34 23.44
N GLY A 1069 5.40 31.32 22.78
CA GLY A 1069 5.27 31.17 21.35
C GLY A 1069 6.51 31.52 20.55
N CYS A 1070 6.35 31.51 19.22
CA CYS A 1070 7.44 31.78 18.32
C CYS A 1070 7.66 33.27 18.13
N GLY A 1071 6.85 34.09 18.82
CA GLY A 1071 6.99 35.54 18.74
C GLY A 1071 8.41 35.97 19.03
N LYS A 1072 9.05 35.25 19.95
CA LYS A 1072 10.44 35.51 20.31
C LYS A 1072 11.39 35.03 19.22
N SER A 1073 11.04 33.90 18.59
CA SER A 1073 11.90 33.30 17.59
C SER A 1073 11.69 33.88 16.20
N THR A 1074 10.47 34.35 15.94
CA THR A 1074 10.12 34.91 14.63
C THR A 1074 11.04 36.08 14.28
N VAL A 1075 11.49 36.78 15.31
CA VAL A 1075 12.51 37.82 15.14
C VAL A 1075 13.72 37.23 14.44
N VAL A 1076 14.28 36.19 15.05
CA VAL A 1076 15.48 35.54 14.55
C VAL A 1076 15.21 34.97 13.16
N GLN A 1077 14.04 34.37 12.97
CA GLN A 1077 13.66 33.83 11.68
C GLN A 1077 13.60 34.90 10.60
N LEU A 1078 13.01 36.05 10.94
CA LEU A 1078 12.83 37.11 9.95
C LEU A 1078 14.15 37.79 9.64
N LEU A 1079 14.99 37.95 10.67
CA LEU A 1079 16.31 38.56 10.44
C LEU A 1079 17.10 37.72 9.43
N GLU A 1080 17.08 36.40 9.61
CA GLU A 1080 17.68 35.47 8.65
C GLU A 1080 16.92 35.51 7.32
N ARG A 1081 15.73 36.09 7.36
CA ARG A 1081 14.89 36.30 6.18
C ARG A 1081 14.43 34.98 5.55
N PHE A 1082 13.91 34.08 6.39
CA PHE A 1082 13.21 32.90 5.90
C PHE A 1082 11.86 33.33 5.35
N TYR A 1083 11.39 34.47 5.84
CA TYR A 1083 10.15 35.08 5.37
C TYR A 1083 10.26 36.60 5.31
N ASP A 1084 9.53 37.20 4.40
CA ASP A 1084 9.33 38.65 4.39
C ASP A 1084 7.98 38.95 5.04
N PRO A 1085 7.96 39.86 6.02
CA PRO A 1085 6.72 40.11 6.77
C PRO A 1085 5.59 40.67 5.90
N MET A 1086 4.35 40.49 6.33
CA MET A 1086 3.19 40.96 5.57
C MET A 1086 3.24 42.46 5.37
N ALA A 1087 3.36 43.17 6.48
CA ALA A 1087 3.54 44.62 6.46
C ALA A 1087 4.57 45.02 7.50
N GLY A 1088 5.18 46.18 7.30
CA GLY A 1088 6.30 46.61 8.13
C GLY A 1088 7.58 46.29 7.41
N SER A 1089 8.71 46.51 8.09
CA SER A 1089 10.00 46.25 7.47
C SER A 1089 11.07 46.13 8.54
N VAL A 1090 12.26 45.70 8.11
CA VAL A 1090 13.36 45.48 9.03
C VAL A 1090 14.70 45.85 8.38
N PHE A 1091 15.52 46.62 9.09
CA PHE A 1091 16.80 47.10 8.58
C PHE A 1091 17.95 46.54 9.42
N LEU A 1092 19.17 46.57 8.87
CA LEU A 1092 20.36 46.16 9.63
C LEU A 1092 21.39 47.29 9.76
N ASP A 1093 21.94 47.76 8.65
CA ASP A 1093 22.88 48.86 8.66
C ASP A 1093 22.14 50.15 8.34
N GLY A 1094 20.82 50.07 8.35
CA GLY A 1094 19.97 51.15 7.89
C GLY A 1094 19.33 50.78 6.57
N LYS A 1095 19.94 49.82 5.88
CA LYS A 1095 19.41 49.33 4.61
C LYS A 1095 18.36 48.26 4.86
N GLU A 1096 17.31 48.28 4.06
CA GLU A 1096 16.26 47.27 4.15
C GLU A 1096 16.78 45.93 3.67
N ILE A 1097 16.64 44.91 4.50
CA ILE A 1097 17.11 43.56 4.17
C ILE A 1097 16.40 43.02 2.94
N LYS A 1098 15.18 43.49 2.73
CA LYS A 1098 14.34 43.07 1.62
C LYS A 1098 14.98 43.38 0.27
N GLN A 1099 15.67 44.52 0.18
CA GLN A 1099 16.36 44.87 -1.05
C GLN A 1099 17.82 44.43 -1.00
N LEU A 1100 18.22 43.93 0.17
CA LEU A 1100 19.59 43.47 0.39
C LEU A 1100 19.80 42.10 -0.28
N ASN A 1101 21.05 41.66 -0.39
CA ASN A 1101 21.34 40.30 -0.83
C ASN A 1101 20.96 39.30 0.27
N VAL A 1102 20.32 38.20 -0.12
CA VAL A 1102 19.88 37.19 0.84
C VAL A 1102 21.04 36.41 1.45
N GLN A 1103 21.95 35.96 0.59
CA GLN A 1103 23.09 35.19 1.05
C GLN A 1103 23.97 36.04 1.96
N TRP A 1104 24.36 37.22 1.47
CA TRP A 1104 25.22 38.12 2.22
C TRP A 1104 24.56 38.51 3.54
N LEU A 1105 23.25 38.69 3.53
CA LEU A 1105 22.51 38.96 4.75
C LEU A 1105 22.72 37.80 5.72
N ARG A 1106 22.41 36.60 5.26
CA ARG A 1106 22.52 35.42 6.11
C ARG A 1106 23.98 35.13 6.47
N ALA A 1107 24.91 35.64 5.67
CA ALA A 1107 26.33 35.42 5.90
C ALA A 1107 26.85 36.13 7.16
N GLN A 1108 26.14 37.18 7.60
CA GLN A 1108 26.58 37.97 8.75
C GLN A 1108 25.87 37.56 10.04
N LEU A 1109 25.21 36.41 10.01
CA LEU A 1109 24.40 35.95 11.14
C LEU A 1109 24.95 34.68 11.78
N GLY A 1110 25.08 34.71 13.11
CA GLY A 1110 25.65 33.63 13.89
C GLY A 1110 24.59 32.85 14.64
N ILE A 1111 23.61 32.35 13.90
CA ILE A 1111 22.47 31.61 14.45
C ILE A 1111 22.87 30.40 15.30
N VAL A 1112 22.17 30.23 16.43
CA VAL A 1112 22.33 29.07 17.29
C VAL A 1112 20.95 28.66 17.82
N SER A 1113 20.53 27.45 17.51
CA SER A 1113 19.17 26.99 17.83
C SER A 1113 19.12 26.11 19.07
N GLN A 1114 17.94 25.56 19.35
CA GLN A 1114 17.73 24.68 20.50
C GLN A 1114 18.52 23.40 20.37
N GLU A 1115 18.14 22.58 19.39
CA GLU A 1115 18.74 21.26 19.19
C GLU A 1115 19.53 21.24 17.89
N PRO A 1116 20.85 21.55 17.97
CA PRO A 1116 21.63 21.72 16.75
C PRO A 1116 21.81 20.42 15.99
N ILE A 1117 21.51 20.42 14.70
CA ILE A 1117 21.71 19.24 13.87
C ILE A 1117 23.11 19.27 13.26
N LEU A 1118 23.83 18.17 13.43
CA LEU A 1118 25.15 17.99 12.84
C LEU A 1118 25.09 16.87 11.81
N PHE A 1119 25.70 17.10 10.65
CA PHE A 1119 25.70 16.08 9.59
C PHE A 1119 26.83 15.10 9.85
N ASP A 1120 26.74 13.92 9.24
CA ASP A 1120 27.74 12.87 9.48
C ASP A 1120 29.05 13.14 8.73
N CYS A 1121 30.06 13.55 9.49
CA CYS A 1121 31.39 13.84 8.97
C CYS A 1121 32.24 14.33 10.13
N SER A 1122 33.50 14.64 9.86
CA SER A 1122 34.41 15.10 10.89
C SER A 1122 33.80 16.30 11.63
N ILE A 1123 33.99 16.35 12.96
CA ILE A 1123 33.49 17.49 13.74
C ILE A 1123 34.12 18.78 13.23
N ALA A 1124 35.31 18.66 12.66
CA ALA A 1124 35.97 19.77 12.01
C ALA A 1124 35.20 20.18 10.76
N GLU A 1125 34.60 19.20 10.08
CA GLU A 1125 33.78 19.51 8.91
C GLU A 1125 32.44 20.07 9.34
N ASN A 1126 32.00 19.70 10.55
CA ASN A 1126 30.79 20.27 11.12
C ASN A 1126 31.03 21.70 11.60
N ILE A 1127 32.23 21.95 12.13
CA ILE A 1127 32.60 23.30 12.57
C ILE A 1127 32.90 24.19 11.37
N ALA A 1128 33.59 23.63 10.37
CA ALA A 1128 33.96 24.38 9.17
C ALA A 1128 32.74 24.68 8.30
N TYR A 1129 31.61 24.09 8.65
CA TYR A 1129 30.37 24.34 7.94
C TYR A 1129 29.90 25.78 8.16
N GLY A 1130 30.47 26.43 9.18
CA GLY A 1130 30.12 27.80 9.50
C GLY A 1130 30.44 28.76 8.37
N ASP A 1131 31.46 28.44 7.59
CA ASP A 1131 31.92 29.31 6.52
C ASP A 1131 32.08 28.52 5.23
N ASN A 1132 31.37 28.94 4.19
CA ASN A 1132 31.42 28.29 2.89
C ASN A 1132 32.00 29.23 1.84
N SER A 1133 32.24 28.71 0.65
CA SER A 1133 32.92 29.44 -0.42
C SER A 1133 34.40 29.65 -0.07
N ARG A 1134 34.81 29.18 1.10
CA ARG A 1134 36.20 29.20 1.52
C ARG A 1134 36.41 28.08 2.51
N VAL A 1135 37.54 27.39 2.38
CA VAL A 1135 37.89 26.34 3.33
C VAL A 1135 38.49 26.99 4.57
N VAL A 1136 38.05 26.53 5.74
CA VAL A 1136 38.49 27.12 7.00
C VAL A 1136 39.80 26.49 7.46
N SER A 1137 40.61 27.26 8.18
CA SER A 1137 41.91 26.79 8.65
C SER A 1137 41.76 25.92 9.90
N TYR A 1138 42.77 25.09 10.15
CA TYR A 1138 42.77 24.24 11.33
C TYR A 1138 42.87 25.10 12.58
N GLU A 1139 43.87 25.97 12.62
CA GLU A 1139 44.07 26.86 13.77
C GLU A 1139 42.84 27.73 14.01
N GLU A 1140 42.05 27.95 12.96
CA GLU A 1140 40.85 28.76 13.06
C GLU A 1140 39.74 27.99 13.78
N ILE A 1141 39.51 26.75 13.35
CA ILE A 1141 38.52 25.90 14.00
C ILE A 1141 38.99 25.51 15.40
N VAL A 1142 40.31 25.51 15.58
CA VAL A 1142 40.90 25.36 16.91
C VAL A 1142 40.50 26.57 17.75
N ARG A 1143 40.77 27.76 17.24
CA ARG A 1143 40.42 29.00 17.93
C ARG A 1143 38.94 29.02 18.30
N ALA A 1144 38.09 28.68 17.34
CA ALA A 1144 36.65 28.63 17.59
C ALA A 1144 36.33 27.59 18.66
N ALA A 1145 36.92 26.41 18.54
CA ALA A 1145 36.72 25.35 19.52
C ALA A 1145 37.21 25.78 20.90
N LYS A 1146 38.26 26.60 20.93
CA LYS A 1146 38.81 27.11 22.19
C LYS A 1146 37.86 28.15 22.75
N GLU A 1147 37.26 28.94 21.86
CA GLU A 1147 36.28 29.92 22.26
C GLU A 1147 35.04 29.25 22.82
N ALA A 1148 34.61 28.16 22.19
CA ALA A 1148 33.39 27.45 22.59
C ALA A 1148 33.59 26.54 23.81
N ASN A 1149 34.83 26.40 24.24
CA ASN A 1149 35.17 25.57 25.41
C ASN A 1149 34.84 24.09 25.22
N ILE A 1150 34.81 23.64 23.97
CA ILE A 1150 34.56 22.24 23.66
C ILE A 1150 35.87 21.46 23.60
N HIS A 1151 36.98 22.20 23.51
CA HIS A 1151 38.31 21.61 23.37
C HIS A 1151 38.59 20.44 24.31
N GLN A 1152 37.98 20.48 25.50
CA GLN A 1152 38.15 19.42 26.50
C GLN A 1152 37.79 18.07 25.90
N PHE A 1153 36.72 18.04 25.10
CA PHE A 1153 36.31 16.82 24.44
C PHE A 1153 37.22 16.54 23.25
N ILE A 1154 37.49 17.57 22.47
CA ILE A 1154 38.16 17.40 21.18
C ILE A 1154 39.60 16.89 21.34
N ASP A 1155 40.29 17.32 22.39
CA ASP A 1155 41.63 16.83 22.66
C ASP A 1155 41.59 15.48 23.38
N SER A 1156 40.42 15.10 23.87
CA SER A 1156 40.27 13.88 24.63
C SER A 1156 40.02 12.66 23.74
N LEU A 1157 39.31 12.87 22.63
CA LEU A 1157 38.96 11.76 21.75
C LEU A 1157 40.20 11.11 21.12
N PRO A 1158 40.09 9.84 20.71
CA PRO A 1158 41.20 9.18 20.01
C PRO A 1158 41.45 9.82 18.64
N ASP A 1159 40.38 10.03 17.88
CA ASP A 1159 40.48 10.58 16.54
C ASP A 1159 40.68 12.10 16.58
N LYS A 1160 40.36 12.70 17.72
CA LYS A 1160 40.39 14.16 17.87
C LYS A 1160 39.50 14.81 16.82
N TYR A 1161 40.00 15.86 16.16
CA TYR A 1161 39.18 16.66 15.26
C TYR A 1161 38.62 15.88 14.06
N ASN A 1162 39.18 14.71 13.79
CA ASN A 1162 38.72 13.89 12.68
C ASN A 1162 37.63 12.89 13.07
N THR A 1163 37.26 12.90 14.35
CA THR A 1163 36.21 12.01 14.83
C THR A 1163 34.90 12.28 14.10
N ARG A 1164 34.17 11.22 13.79
CA ARG A 1164 32.89 11.37 13.10
C ARG A 1164 31.78 11.48 14.13
N VAL A 1165 30.79 12.34 13.84
CA VAL A 1165 29.65 12.55 14.73
C VAL A 1165 28.40 12.56 13.88
N GLY A 1166 27.25 12.24 14.48
CA GLY A 1166 25.99 12.22 13.78
C GLY A 1166 25.38 10.83 13.75
N ASP A 1167 25.77 10.01 14.72
CA ASP A 1167 25.13 8.73 14.98
C ASP A 1167 25.55 7.60 14.02
N LYS A 1168 26.21 7.94 12.93
CA LYS A 1168 26.73 6.90 12.04
C LYS A 1168 27.97 6.26 12.65
N GLY A 1169 28.83 7.09 13.24
CA GLY A 1169 30.08 6.63 13.80
C GLY A 1169 30.23 6.83 15.30
N THR A 1170 29.56 7.85 15.86
CA THR A 1170 29.74 8.21 17.26
C THR A 1170 28.52 8.89 17.87
N GLN A 1171 28.43 8.82 19.20
CA GLN A 1171 27.36 9.46 19.96
C GLN A 1171 27.93 10.50 20.94
N LEU A 1172 27.20 11.59 21.11
CA LEU A 1172 27.54 12.63 22.09
C LEU A 1172 26.28 13.19 22.72
N SER A 1173 26.41 13.78 23.90
CA SER A 1173 25.28 14.41 24.57
C SER A 1173 25.01 15.80 24.01
N GLY A 1174 23.98 16.46 24.51
CA GLY A 1174 23.55 17.73 23.98
C GLY A 1174 24.55 18.86 24.19
N GLY A 1175 25.25 18.82 25.32
CA GLY A 1175 26.21 19.86 25.66
C GLY A 1175 27.29 20.01 24.61
N GLN A 1176 27.92 18.91 24.26
CA GLN A 1176 28.99 18.91 23.28
C GLN A 1176 28.47 19.40 21.93
N LYS A 1177 27.35 18.82 21.50
CA LYS A 1177 26.70 19.23 20.26
C LYS A 1177 26.50 20.74 20.25
N GLN A 1178 25.92 21.26 21.33
CA GLN A 1178 25.68 22.70 21.43
C GLN A 1178 26.96 23.49 21.36
N ARG A 1179 27.98 23.10 22.12
CA ARG A 1179 29.26 23.80 22.05
C ARG A 1179 29.80 23.80 20.61
N ILE A 1180 29.65 22.68 19.92
CA ILE A 1180 30.04 22.60 18.51
C ILE A 1180 29.24 23.62 17.69
N ALA A 1181 27.94 23.69 17.95
CA ALA A 1181 27.10 24.70 17.30
C ALA A 1181 27.65 26.09 17.57
N ILE A 1182 28.04 26.35 18.82
CA ILE A 1182 28.64 27.64 19.16
C ILE A 1182 29.89 27.87 18.31
N ALA A 1183 30.74 26.85 18.22
CA ALA A 1183 31.94 26.95 17.39
C ALA A 1183 31.59 27.33 15.95
N ARG A 1184 30.64 26.60 15.36
CA ARG A 1184 30.10 26.92 14.04
C ARG A 1184 29.70 28.38 13.96
N ALA A 1185 28.96 28.82 14.97
CA ALA A 1185 28.49 30.19 15.02
C ALA A 1185 29.67 31.16 14.98
N LEU A 1186 30.62 31.02 15.89
CA LEU A 1186 31.65 32.06 16.00
C LEU A 1186 32.90 31.85 15.14
N VAL A 1187 33.00 30.75 14.39
CA VAL A 1187 34.06 30.67 13.37
C VAL A 1187 33.71 31.57 12.19
N ARG A 1188 32.42 31.73 11.95
CA ARG A 1188 31.92 32.65 10.92
C ARG A 1188 32.29 34.10 11.24
N GLN A 1189 32.66 34.33 12.50
CA GLN A 1189 32.97 35.68 13.00
C GLN A 1189 31.82 36.62 12.69
N PRO A 1190 30.61 36.27 13.14
CA PRO A 1190 29.47 37.10 12.77
C PRO A 1190 29.48 38.40 13.55
N HIS A 1191 28.82 39.43 13.00
CA HIS A 1191 28.59 40.65 13.74
C HIS A 1191 27.29 40.52 14.54
N ILE A 1192 26.50 39.50 14.20
CA ILE A 1192 25.20 39.28 14.83
C ILE A 1192 25.03 37.83 15.29
N LEU A 1193 25.06 37.61 16.60
CA LEU A 1193 24.79 36.30 17.18
C LEU A 1193 23.30 36.19 17.49
N LEU A 1194 22.72 35.02 17.24
CA LEU A 1194 21.31 34.79 17.49
C LEU A 1194 21.12 33.49 18.27
N LEU A 1195 20.85 33.61 19.57
CA LEU A 1195 20.78 32.45 20.46
C LEU A 1195 19.33 32.07 20.78
N ASP A 1196 18.81 31.07 20.06
CA ASP A 1196 17.42 30.67 20.17
C ASP A 1196 17.24 29.55 21.19
N GLU A 1197 16.88 29.92 22.43
CA GLU A 1197 16.63 28.95 23.50
C GLU A 1197 17.70 27.86 23.54
N ALA A 1198 18.95 28.29 23.43
CA ALA A 1198 20.09 27.37 23.31
C ALA A 1198 20.16 26.36 24.47
N THR A 1199 19.75 26.79 25.65
CA THR A 1199 19.80 25.93 26.84
C THR A 1199 18.47 25.23 27.09
N SER A 1200 17.63 25.15 26.06
CA SER A 1200 16.31 24.53 26.20
C SER A 1200 16.40 23.11 26.77
N ALA A 1201 16.97 22.19 25.99
CA ALA A 1201 17.19 20.82 26.44
C ALA A 1201 18.59 20.67 27.00
N LEU A 1202 18.69 20.64 28.33
CA LEU A 1202 19.98 20.61 29.02
C LEU A 1202 19.72 20.45 30.51
N ASP A 1203 20.77 20.25 31.30
CA ASP A 1203 20.62 20.06 32.74
C ASP A 1203 21.90 20.31 33.54
N THR A 1204 21.72 20.51 34.84
CA THR A 1204 22.83 20.67 35.80
C THR A 1204 23.99 21.55 35.30
N GLU A 1205 25.22 21.09 35.47
CA GLU A 1205 26.40 21.90 35.17
C GLU A 1205 26.54 22.20 33.68
N SER A 1206 25.94 21.38 32.83
CA SER A 1206 25.98 21.58 31.38
C SER A 1206 25.45 22.96 31.04
N GLU A 1207 24.31 23.31 31.62
CA GLU A 1207 23.74 24.64 31.45
C GLU A 1207 24.74 25.70 31.86
N LYS A 1208 25.45 25.45 32.96
CA LYS A 1208 26.41 26.41 33.48
C LYS A 1208 27.55 26.64 32.49
N VAL A 1209 28.20 25.56 32.07
CA VAL A 1209 29.32 25.68 31.15
C VAL A 1209 28.89 26.24 29.79
N VAL A 1210 27.77 25.76 29.27
CA VAL A 1210 27.27 26.24 27.98
C VAL A 1210 26.94 27.73 28.09
N GLN A 1211 26.26 28.12 29.17
CA GLN A 1211 25.94 29.53 29.38
C GLN A 1211 27.22 30.34 29.50
N GLU A 1212 28.22 29.78 30.17
CA GLU A 1212 29.52 30.44 30.27
C GLU A 1212 30.08 30.70 28.87
N ALA A 1213 30.07 29.66 28.04
CA ALA A 1213 30.54 29.79 26.66
C ALA A 1213 29.75 30.84 25.86
N LEU A 1214 28.43 30.72 25.89
CA LEU A 1214 27.54 31.66 25.20
C LEU A 1214 27.79 33.09 25.67
N ASP A 1215 28.02 33.25 26.98
CA ASP A 1215 28.31 34.55 27.54
C ASP A 1215 29.64 35.07 27.01
N LYS A 1216 30.65 34.20 27.00
CA LYS A 1216 31.94 34.57 26.43
C LYS A 1216 31.83 34.85 24.93
N ALA A 1217 30.86 34.22 24.28
CA ALA A 1217 30.66 34.42 22.85
C ALA A 1217 30.19 35.84 22.52
N ARG A 1218 29.26 36.37 23.32
CA ARG A 1218 28.69 37.69 23.07
C ARG A 1218 29.54 38.80 23.69
N GLU A 1219 28.95 39.98 23.83
CA GLU A 1219 29.59 41.16 24.42
C GLU A 1219 30.62 41.80 23.49
N GLY A 1220 31.06 41.06 22.48
CA GLY A 1220 31.93 41.60 21.44
C GLY A 1220 31.17 41.79 20.14
N ARG A 1221 29.89 41.44 20.15
CA ARG A 1221 29.08 41.49 18.95
C ARG A 1221 27.68 41.98 19.28
N THR A 1222 26.97 42.43 18.24
CA THR A 1222 25.54 42.62 18.34
C THR A 1222 24.97 41.24 18.56
N CYS A 1223 23.96 41.10 19.41
CA CYS A 1223 23.30 39.81 19.56
C CYS A 1223 21.89 39.94 20.11
N ILE A 1224 21.09 38.92 19.84
CA ILE A 1224 19.71 38.85 20.30
C ILE A 1224 19.51 37.53 21.02
N VAL A 1225 19.20 37.59 22.32
CA VAL A 1225 19.05 36.39 23.13
C VAL A 1225 17.61 36.25 23.61
N ILE A 1226 17.02 35.09 23.30
CA ILE A 1226 15.64 34.80 23.66
C ILE A 1226 15.55 33.69 24.70
N ALA A 1227 16.67 33.37 25.33
CA ALA A 1227 16.74 32.24 26.27
C ALA A 1227 15.70 32.36 27.39
N HIS A 1228 15.28 31.20 27.91
CA HIS A 1228 14.19 31.13 28.88
C HIS A 1228 14.65 31.28 30.33
N ARG A 1229 15.96 31.33 30.54
CA ARG A 1229 16.53 31.52 31.87
C ARG A 1229 16.74 32.99 32.16
N LEU A 1230 15.74 33.62 32.76
CA LEU A 1230 15.77 35.06 32.99
C LEU A 1230 16.84 35.43 34.02
N SER A 1231 17.23 34.46 34.84
CA SER A 1231 18.30 34.68 35.80
C SER A 1231 19.60 34.97 35.07
N THR A 1232 19.72 34.42 33.86
CA THR A 1232 20.92 34.61 33.04
C THR A 1232 20.77 35.78 32.07
N ILE A 1233 19.58 36.38 32.06
CA ILE A 1233 19.31 37.57 31.25
C ILE A 1233 19.48 38.82 32.10
N GLN A 1234 19.59 38.64 33.41
CA GLN A 1234 19.77 39.75 34.35
C GLN A 1234 20.88 40.70 33.90
N ASN A 1235 21.87 40.16 33.20
CA ASN A 1235 22.90 40.99 32.56
C ASN A 1235 22.66 41.14 31.06
N ALA A 1236 22.00 42.22 30.69
CA ALA A 1236 21.70 42.52 29.29
C ALA A 1236 21.56 44.02 29.13
N ASP A 1237 21.96 44.52 27.97
CA ASP A 1237 21.90 45.95 27.71
C ASP A 1237 20.46 46.42 27.58
N LEU A 1238 19.64 45.60 26.92
CA LEU A 1238 18.24 45.94 26.72
C LEU A 1238 17.36 44.68 26.76
N ILE A 1239 16.47 44.64 27.74
CA ILE A 1239 15.47 43.59 27.84
C ILE A 1239 14.18 44.11 27.22
N VAL A 1240 13.46 43.24 26.52
CA VAL A 1240 12.25 43.64 25.81
C VAL A 1240 11.14 42.60 25.91
N VAL A 1241 10.14 42.87 26.75
CA VAL A 1241 8.99 41.98 26.88
C VAL A 1241 8.06 42.14 25.68
N ILE A 1242 7.74 41.02 25.03
CA ILE A 1242 6.83 41.03 23.90
C ILE A 1242 5.42 40.63 24.38
N GLN A 1243 4.40 41.14 23.70
CA GLN A 1243 3.01 40.86 24.05
C GLN A 1243 2.12 40.95 22.81
N ASN A 1244 1.57 39.81 22.40
CA ASN A 1244 0.63 39.77 21.29
C ASN A 1244 1.17 40.36 19.99
N GLY A 1245 2.50 40.38 19.86
CA GLY A 1245 3.13 40.91 18.67
C GLY A 1245 3.56 42.36 18.82
N LYS A 1246 3.12 43.00 19.90
CA LYS A 1246 3.58 44.35 20.23
C LYS A 1246 4.55 44.29 21.39
N VAL A 1247 5.63 45.07 21.31
CA VAL A 1247 6.53 45.24 22.45
C VAL A 1247 5.77 45.91 23.60
N LYS A 1248 5.72 45.25 24.75
CA LYS A 1248 4.95 45.75 25.88
C LYS A 1248 5.84 46.54 26.83
N GLU A 1249 6.80 45.86 27.42
CA GLU A 1249 7.74 46.50 28.32
C GLU A 1249 9.14 46.39 27.76
N HIS A 1250 9.94 47.44 27.90
CA HIS A 1250 11.33 47.38 27.50
C HIS A 1250 12.18 48.33 28.33
N GLY A 1251 13.45 47.94 28.50
CA GLY A 1251 14.39 48.70 29.31
C GLY A 1251 15.38 47.78 30.00
N THR A 1252 16.38 48.36 30.64
CA THR A 1252 17.35 47.57 31.39
C THR A 1252 16.66 46.83 32.52
N HIS A 1253 17.36 45.86 33.10
CA HIS A 1253 16.79 45.00 34.14
C HIS A 1253 16.19 45.80 35.29
N GLN A 1254 17.03 46.58 35.95
CA GLN A 1254 16.62 47.33 37.14
C GLN A 1254 15.46 48.28 36.86
N GLN A 1255 15.33 48.73 35.62
CA GLN A 1255 14.24 49.62 35.24
C GLN A 1255 12.94 48.82 35.10
N LEU A 1256 13.02 47.67 34.44
CA LEU A 1256 11.88 46.77 34.36
C LEU A 1256 11.59 46.22 35.75
N LEU A 1257 12.59 46.25 36.62
CA LEU A 1257 12.44 45.80 37.99
C LEU A 1257 11.91 46.94 38.85
N ALA A 1258 12.23 48.17 38.48
CA ALA A 1258 11.71 49.34 39.18
C ALA A 1258 10.21 49.43 38.89
N GLN A 1259 9.86 49.11 37.65
CA GLN A 1259 8.47 48.99 37.23
C GLN A 1259 7.91 47.73 37.86
N LYS A 1260 6.59 47.57 37.80
CA LYS A 1260 5.94 46.36 38.25
C LYS A 1260 4.94 45.94 37.18
N GLY A 1261 5.13 44.75 36.63
CA GLY A 1261 4.28 44.32 35.53
C GLY A 1261 4.62 42.93 35.04
N ILE A 1262 4.57 42.73 33.74
CA ILE A 1262 4.83 41.42 33.17
C ILE A 1262 6.20 40.91 33.57
N TYR A 1263 7.25 41.66 33.25
CA TYR A 1263 8.62 41.20 33.49
C TYR A 1263 8.88 40.85 34.94
N PHE A 1264 8.43 41.70 35.85
CA PHE A 1264 8.58 41.44 37.27
C PHE A 1264 7.93 40.11 37.60
N SER A 1265 6.74 39.87 37.05
CA SER A 1265 6.04 38.61 37.27
C SER A 1265 6.83 37.44 36.68
N MET A 1266 7.29 37.59 35.45
CA MET A 1266 8.10 36.56 34.79
C MET A 1266 9.28 36.18 35.67
N VAL A 1267 9.97 37.19 36.20
CA VAL A 1267 11.14 36.93 37.04
C VAL A 1267 10.75 36.41 38.42
N SER A 1268 9.62 36.84 38.94
CA SER A 1268 9.17 36.38 40.25
C SER A 1268 8.76 34.90 40.22
N VAL A 1269 7.90 34.54 39.27
CA VAL A 1269 7.34 33.19 39.23
C VAL A 1269 8.40 32.10 39.17
N GLN A 1270 9.39 32.26 38.29
CA GLN A 1270 10.38 31.22 38.07
C GLN A 1270 11.41 31.22 39.20
N ALA A 1271 11.64 32.39 39.80
CA ALA A 1271 12.49 32.48 40.97
C ALA A 1271 11.77 31.85 42.15
N GLY A 1272 10.44 31.91 42.13
CA GLY A 1272 9.62 31.26 43.14
C GLY A 1272 9.79 29.75 43.13
N ALA A 1273 10.15 29.20 41.97
CA ALA A 1273 10.32 27.75 41.83
C ALA A 1273 11.67 27.28 42.37
N LYS A 1274 12.71 28.06 42.15
CA LYS A 1274 14.04 27.73 42.64
C LYS A 1274 14.08 27.77 44.16
N ARG A 1275 13.36 28.75 44.72
CA ARG A 1275 13.27 28.89 46.16
C ARG A 1275 12.44 27.75 46.76
N SER A 1276 11.51 27.23 45.95
CA SER A 1276 10.58 26.20 46.40
C SER A 1276 11.22 24.81 46.44
N LEU A 1277 12.23 24.61 45.59
CA LEU A 1277 12.85 23.29 45.46
C LEU A 1277 13.70 22.93 46.68
N GLU A 1278 14.07 23.93 47.47
CA GLU A 1278 14.90 23.70 48.65
C GLU A 1278 14.30 22.63 49.57
N VAL B 2 3.86 -20.72 -35.35
CA VAL B 2 3.52 -19.36 -35.01
C VAL B 2 4.10 -18.91 -33.69
N VAL B 4 2.80 -20.20 -30.10
CA VAL B 4 2.14 -20.89 -29.02
C VAL B 4 2.82 -22.18 -29.49
N VAL B 6 2.83 -24.39 -33.16
CA VAL B 6 2.47 -25.04 -34.43
C VAL B 6 3.48 -24.48 -35.41
N VAL C 2 11.12 -16.00 -29.71
CA VAL C 2 11.49 -16.76 -30.91
C VAL C 2 10.74 -18.06 -31.13
N VAL C 4 9.35 -20.96 -28.62
CA VAL C 4 9.02 -21.70 -27.43
C VAL C 4 8.51 -20.51 -26.63
N VAL C 6 10.10 -16.73 -25.19
CA VAL C 6 10.76 -15.49 -24.74
C VAL C 6 10.50 -14.68 -25.99
N VAL D 2 7.05 6.65 -25.55
CA VAL D 2 7.52 7.97 -25.98
C VAL D 2 6.44 9.00 -26.00
N VAL D 4 2.47 8.56 -27.06
CA VAL D 4 1.13 8.19 -27.46
C VAL D 4 0.96 6.94 -26.62
N VAL D 6 3.24 3.55 -25.62
CA VAL D 6 4.18 2.43 -25.54
C VAL D 6 5.32 3.05 -24.74
#